data_6JQX
#
_entry.id   6JQX
#
_cell.length_a   58.113
_cell.length_b   93.863
_cell.length_c   128.428
_cell.angle_alpha   90.000
_cell.angle_beta   90.000
_cell.angle_gamma   90.000
#
_symmetry.space_group_name_H-M   'P 21 21 21'
#
loop_
_entity.id
_entity.type
_entity.pdbx_description
1 polymer 'Salicylate decarboxylase'
2 non-polymer '2-HYDROXYBENZOIC ACID'
3 non-polymer 'ZINC ION'
4 water water
#
_entity_poly.entity_id   1
_entity_poly.type   'polypeptide(L)'
_entity_poly.pdbx_seq_one_letter_code
;GSMRGKVSLEEAFELPKFAAQTKEKAELYIAPNNRDRYFEEILNPCGNRLELSNKHGIGYTIYSIYSPGPQGWTERAECE
EYARECNDYISGEIANHKDRMGAFAALSMHDPKQASEELTRCVKELGFLGALVNDVQHAGPEGETHIFYDQPEWDIFWQT
CVDLDVPFYLHPEPPFGSYLRNQYEGRKYLIGPPVSFANGVSLHVLGMIVNGVFDRFPKLKVILGHLGEHIPGDFWRIEH
WFEHCSRPLAKSRGDVFAEKPLLHYFRNNIWLTTSGNFSTETLKFCVEHVGAERILFSVDSPYEHIDVGCGWYDDNAKAI
MEAVGGEKAYKDIGRDNAKKLFKLGKFYDSEA
;
_entity_poly.pdbx_strand_id   A,B
#
# COMPACT_ATOMS: atom_id res chain seq x y z
N GLY A 1 -1.98 2.40 -34.09
CA GLY A 1 -2.69 3.42 -33.35
C GLY A 1 -1.84 4.14 -32.33
N SER A 2 -0.52 3.97 -32.40
CA SER A 2 0.33 4.71 -31.47
C SER A 2 0.34 6.19 -31.84
N MET A 3 0.81 7.02 -30.90
CA MET A 3 0.83 8.46 -31.08
C MET A 3 2.20 9.03 -30.75
N ARG A 4 2.53 10.16 -31.38
CA ARG A 4 3.66 10.97 -30.97
C ARG A 4 3.12 12.14 -30.15
N GLY A 5 4.02 12.98 -29.64
CA GLY A 5 3.59 14.12 -28.83
C GLY A 5 3.19 13.77 -27.41
N LYS A 6 3.56 12.59 -26.91
CA LYS A 6 3.19 12.20 -25.56
C LYS A 6 3.83 13.13 -24.54
N VAL A 7 3.15 13.32 -23.42
CA VAL A 7 3.72 14.13 -22.35
C VAL A 7 4.19 13.19 -21.25
N SER A 8 5.41 13.43 -20.75
CA SER A 8 6.02 12.57 -19.72
C SER A 8 6.51 13.47 -18.60
N LEU A 9 6.07 13.21 -17.36
CA LEU A 9 6.29 14.26 -16.35
C LEU A 9 6.74 13.73 -14.99
N GLU A 10 7.37 12.57 -14.92
CA GLU A 10 8.03 12.16 -13.67
C GLU A 10 9.48 11.81 -13.97
N GLU A 11 10.18 12.77 -14.56
CA GLU A 11 11.46 12.58 -15.22
C GLU A 11 12.54 13.30 -14.42
N ALA A 12 13.44 12.56 -13.78
CA ALA A 12 14.26 13.14 -12.72
C ALA A 12 15.67 13.52 -13.17
N PHE A 13 16.26 14.51 -12.50
CA PHE A 13 17.67 14.89 -12.70
C PHE A 13 18.34 15.18 -11.36
N GLU A 14 19.68 15.32 -11.38
CA GLU A 14 20.44 15.82 -10.23
C GLU A 14 21.41 16.88 -10.72
N LEU A 15 21.75 17.81 -9.83
CA LEU A 15 22.75 18.83 -10.14
C LEU A 15 24.08 18.19 -10.54
N PRO A 16 24.68 18.61 -11.66
CA PRO A 16 25.93 17.95 -12.07
C PRO A 16 27.01 18.01 -11.02
N LYS A 17 27.07 19.06 -10.21
CA LYS A 17 28.14 19.14 -9.22
C LYS A 17 27.96 18.14 -8.10
N PHE A 18 26.79 17.50 -7.97
CA PHE A 18 26.59 16.44 -7.00
C PHE A 18 26.58 15.06 -7.66
N ALA A 19 27.33 14.88 -8.75
CA ALA A 19 27.41 13.57 -9.40
C ALA A 19 27.74 12.45 -8.43
N ALA A 20 28.57 12.73 -7.42
CA ALA A 20 28.97 11.68 -6.48
C ALA A 20 27.78 11.16 -5.69
N GLN A 21 26.80 12.02 -5.39
CA GLN A 21 25.62 11.56 -4.66
C GLN A 21 24.79 10.57 -5.48
N THR A 22 24.92 10.58 -6.80
CA THR A 22 24.12 9.66 -7.60
C THR A 22 24.60 8.22 -7.44
N LYS A 23 25.86 8.03 -7.00
CA LYS A 23 26.37 6.68 -6.73
C LYS A 23 25.57 5.99 -5.63
N GLU A 24 25.16 6.76 -4.61
CA GLU A 24 24.35 6.20 -3.54
C GLU A 24 22.97 5.77 -4.04
N LYS A 25 22.35 6.57 -4.90
CA LYS A 25 21.08 6.18 -5.47
C LYS A 25 21.23 4.94 -6.36
N ALA A 26 22.34 4.88 -7.12
CA ALA A 26 22.54 3.72 -7.98
C ALA A 26 22.60 2.43 -7.18
N GLU A 27 23.18 2.48 -5.97
CA GLU A 27 23.26 1.26 -5.15
C GLU A 27 21.91 0.83 -4.62
N LEU A 28 20.94 1.74 -4.55
CA LEU A 28 19.60 1.37 -4.11
C LEU A 28 18.70 0.90 -5.25
N TYR A 29 18.88 1.45 -6.45
CA TYR A 29 17.84 1.38 -7.46
C TYR A 29 18.28 0.91 -8.84
N ILE A 30 19.57 0.67 -9.07
CA ILE A 30 20.04 0.48 -10.44
C ILE A 30 20.87 -0.80 -10.53
N ALA A 31 20.42 -1.74 -11.37
CA ALA A 31 21.17 -2.95 -11.61
C ALA A 31 22.50 -2.64 -12.31
N PRO A 32 23.55 -3.43 -12.07
CA PRO A 32 24.86 -3.13 -12.67
C PRO A 32 24.85 -2.84 -14.17
N ASN A 33 24.13 -3.64 -14.97
CA ASN A 33 24.16 -3.41 -16.41
C ASN A 33 23.53 -2.09 -16.81
N ASN A 34 22.78 -1.46 -15.91
CA ASN A 34 22.10 -0.21 -16.24
C ASN A 34 22.79 1.02 -15.66
N ARG A 35 23.96 0.86 -15.02
CA ARG A 35 24.61 1.97 -14.33
C ARG A 35 25.11 3.03 -15.31
N ASP A 36 25.78 2.62 -16.39
CA ASP A 36 26.31 3.61 -17.33
C ASP A 36 25.19 4.50 -17.86
N ARG A 37 24.07 3.89 -18.24
CA ARG A 37 22.95 4.66 -18.77
C ARG A 37 22.35 5.56 -17.70
N TYR A 38 22.17 5.02 -16.48
CA TYR A 38 21.62 5.85 -15.41
C TYR A 38 22.47 7.09 -15.17
N PHE A 39 23.80 6.92 -15.09
CA PHE A 39 24.64 8.06 -14.76
C PHE A 39 24.59 9.11 -15.86
N GLU A 40 24.52 8.67 -17.13
CA GLU A 40 24.45 9.64 -18.23
C GLU A 40 23.14 10.40 -18.18
N GLU A 41 22.04 9.68 -17.93
CA GLU A 41 20.73 10.31 -18.01
C GLU A 41 20.50 11.25 -16.83
N ILE A 42 20.82 10.82 -15.61
CA ILE A 42 20.47 11.62 -14.44
C ILE A 42 21.21 12.96 -14.45
N LEU A 43 22.36 13.03 -15.12
CA LEU A 43 23.17 14.24 -15.13
C LEU A 43 23.10 15.03 -16.43
N ASN A 44 22.28 14.61 -17.40
CA ASN A 44 22.22 15.27 -18.70
C ASN A 44 20.79 15.34 -19.19
N PRO A 45 20.00 16.32 -18.72
CA PRO A 45 18.64 16.50 -19.24
C PRO A 45 18.55 16.60 -20.77
N CYS A 46 19.58 17.11 -21.44
CA CYS A 46 19.58 17.29 -22.88
C CYS A 46 20.41 16.24 -23.61
N GLY A 47 20.82 15.17 -22.93
CA GLY A 47 21.66 14.16 -23.55
C GLY A 47 20.89 13.05 -24.21
N ASN A 48 21.34 11.81 -24.06
CA ASN A 48 20.73 10.71 -24.79
C ASN A 48 19.25 10.54 -24.43
N ARG A 49 18.84 10.94 -23.22
CA ARG A 49 17.44 10.77 -22.86
C ARG A 49 16.55 11.64 -23.74
N LEU A 50 17.07 12.80 -24.19
CA LEU A 50 16.32 13.62 -25.15
C LEU A 50 16.25 12.95 -26.52
N GLU A 51 17.36 12.35 -26.98
CA GLU A 51 17.30 11.63 -28.25
C GLU A 51 16.31 10.48 -28.19
N LEU A 52 16.27 9.76 -27.06
CA LEU A 52 15.31 8.67 -26.92
C LEU A 52 13.88 9.20 -26.89
N SER A 53 13.66 10.32 -26.19
CA SER A 53 12.32 10.89 -26.14
C SER A 53 11.85 11.32 -27.53
N ASN A 54 12.74 11.93 -28.31
CA ASN A 54 12.36 12.28 -29.68
C ASN A 54 12.05 11.04 -30.50
N LYS A 55 12.87 10.00 -30.36
CA LYS A 55 12.64 8.80 -31.16
C LYS A 55 11.32 8.11 -30.81
N HIS A 56 11.01 8.09 -29.52
CA HIS A 56 9.90 7.28 -29.04
C HIS A 56 8.60 8.06 -28.92
N GLY A 57 8.53 9.27 -29.49
CA GLY A 57 7.27 9.97 -29.60
C GLY A 57 6.82 10.71 -28.37
N ILE A 58 7.75 11.20 -27.57
CA ILE A 58 7.46 12.13 -26.50
C ILE A 58 7.55 13.55 -27.04
N GLY A 59 6.51 14.33 -26.81
CA GLY A 59 6.47 15.71 -27.28
C GLY A 59 6.89 16.70 -26.22
N TYR A 60 6.74 16.35 -24.94
CA TYR A 60 7.02 17.32 -23.88
C TYR A 60 7.44 16.56 -22.65
N THR A 61 8.63 16.87 -22.13
CA THR A 61 9.14 16.27 -20.91
C THR A 61 9.15 17.33 -19.83
N ILE A 62 8.57 17.02 -18.66
CA ILE A 62 8.67 17.91 -17.50
C ILE A 62 9.69 17.32 -16.53
N TYR A 63 10.78 18.04 -16.30
CA TYR A 63 11.87 17.58 -15.44
C TYR A 63 11.65 17.99 -13.98
N SER A 64 12.19 17.18 -13.07
CA SER A 64 12.03 17.40 -11.64
C SER A 64 13.28 16.90 -10.95
N ILE A 65 13.54 17.38 -9.73
CA ILE A 65 14.71 16.93 -8.98
C ILE A 65 14.48 15.49 -8.51
N TYR A 66 15.54 14.68 -8.48
CA TYR A 66 15.41 13.28 -8.07
C TYR A 66 15.23 13.20 -6.56
N SER A 67 15.20 11.98 -6.03
CA SER A 67 14.72 11.75 -4.68
C SER A 67 15.81 11.16 -3.78
N PRO A 68 15.93 11.62 -2.53
CA PRO A 68 15.06 12.62 -1.89
C PRO A 68 15.29 14.06 -2.35
N GLY A 69 16.43 14.35 -2.98
CA GLY A 69 16.67 15.73 -3.37
C GLY A 69 16.61 16.60 -2.14
N PRO A 70 15.97 17.76 -2.23
CA PRO A 70 15.97 18.67 -1.07
C PRO A 70 15.35 18.06 0.18
N GLN A 71 14.42 17.11 0.01
CA GLN A 71 13.77 16.51 1.18
C GLN A 71 14.74 15.69 2.04
N GLY A 72 15.93 15.38 1.54
CA GLY A 72 16.92 14.71 2.34
C GLY A 72 17.96 15.64 2.96
N TRP A 73 17.90 16.93 2.65
CA TRP A 73 18.85 17.92 3.17
C TRP A 73 18.27 18.44 4.49
N THR A 74 18.88 18.04 5.61
CA THR A 74 18.26 18.24 6.93
C THR A 74 18.50 19.62 7.52
N GLU A 75 19.42 20.41 6.96
CA GLU A 75 19.75 21.73 7.46
C GLU A 75 19.06 22.77 6.58
N ARG A 76 18.17 23.57 7.18
CA ARG A 76 17.28 24.42 6.40
C ARG A 76 18.02 25.34 5.42
N ALA A 77 19.08 26.03 5.89
CA ALA A 77 19.74 27.01 5.03
C ALA A 77 20.39 26.34 3.83
N GLU A 78 21.05 25.20 4.04
CA GLU A 78 21.68 24.47 2.95
C GLU A 78 20.63 23.93 2.00
N CYS A 79 19.52 23.45 2.56
CA CYS A 79 18.41 22.91 1.75
C CYS A 79 17.85 23.98 0.82
N GLU A 80 17.62 25.18 1.35
CA GLU A 80 17.04 26.25 0.53
C GLU A 80 17.97 26.65 -0.59
N GLU A 81 19.29 26.72 -0.32
CA GLU A 81 20.27 27.05 -1.34
C GLU A 81 20.31 25.99 -2.45
N TYR A 82 20.28 24.72 -2.04
CA TYR A 82 20.28 23.61 -2.99
C TYR A 82 19.06 23.66 -3.90
N ALA A 83 17.87 23.85 -3.31
CA ALA A 83 16.66 23.92 -4.13
C ALA A 83 16.75 25.06 -5.15
N ARG A 84 17.23 26.24 -4.72
CA ARG A 84 17.38 27.35 -5.67
C ARG A 84 18.32 26.98 -6.79
N GLU A 85 19.45 26.35 -6.45
CA GLU A 85 20.42 25.98 -7.48
C GLU A 85 19.84 24.97 -8.45
N CYS A 86 19.04 24.02 -7.95
CA CYS A 86 18.38 23.07 -8.84
C CYS A 86 17.48 23.78 -9.83
N ASN A 87 16.70 24.74 -9.34
CA ASN A 87 15.74 25.43 -10.20
C ASN A 87 16.43 26.31 -11.22
N ASP A 88 17.50 27.01 -10.80
CA ASP A 88 18.23 27.82 -11.77
C ASP A 88 18.95 26.95 -12.80
N TYR A 89 19.48 25.80 -12.36
CA TYR A 89 20.14 24.90 -13.30
C TYR A 89 19.18 24.39 -14.35
N ILE A 90 18.05 23.82 -13.93
CA ILE A 90 17.21 23.18 -14.92
C ILE A 90 16.53 24.22 -15.81
N SER A 91 16.27 25.42 -15.27
CA SER A 91 15.76 26.51 -16.11
C SER A 91 16.72 26.81 -17.25
N GLY A 92 18.02 26.82 -16.96
CA GLY A 92 19.00 27.05 -18.00
C GLY A 92 19.06 25.93 -19.02
N GLU A 93 18.92 24.68 -18.57
CA GLU A 93 18.98 23.56 -19.49
C GLU A 93 17.76 23.52 -20.42
N ILE A 94 16.57 23.78 -19.88
CA ILE A 94 15.36 23.67 -20.70
C ILE A 94 15.21 24.87 -21.64
N ALA A 95 15.93 25.95 -21.37
CA ALA A 95 15.83 27.17 -22.17
C ALA A 95 16.08 26.93 -23.65
N ASN A 96 16.91 25.94 -23.98
CA ASN A 96 17.29 25.67 -25.36
C ASN A 96 16.36 24.68 -26.05
N HIS A 97 15.32 24.21 -25.37
CA HIS A 97 14.39 23.24 -25.95
C HIS A 97 12.97 23.54 -25.48
N LYS A 98 12.53 24.79 -25.66
CA LYS A 98 11.27 25.23 -25.08
C LYS A 98 10.07 24.51 -25.68
N ASP A 99 10.19 23.99 -26.90
CA ASP A 99 9.06 23.31 -27.49
C ASP A 99 8.84 21.90 -26.94
N ARG A 100 9.77 21.36 -26.14
CA ARG A 100 9.61 19.97 -25.70
C ARG A 100 10.13 19.72 -24.28
N MET A 101 10.40 20.76 -23.50
CA MET A 101 10.88 20.60 -22.12
C MET A 101 10.28 21.65 -21.23
N GLY A 102 9.84 21.23 -20.03
CA GLY A 102 9.43 22.14 -18.97
C GLY A 102 9.97 21.64 -17.64
N ALA A 103 9.63 22.28 -16.53
CA ALA A 103 10.15 21.80 -15.25
C ALA A 103 9.16 22.04 -14.11
N PHE A 104 9.33 21.21 -13.07
CA PHE A 104 8.64 21.38 -11.79
C PHE A 104 9.66 21.93 -10.79
N ALA A 105 9.20 22.82 -9.91
CA ALA A 105 10.07 23.39 -8.89
C ALA A 105 10.52 22.34 -7.88
N ALA A 106 11.81 22.36 -7.57
CA ALA A 106 12.37 21.75 -6.38
C ALA A 106 12.21 22.72 -5.22
N LEU A 107 11.82 22.21 -4.07
CA LEU A 107 11.54 23.10 -2.96
C LEU A 107 12.18 22.59 -1.68
N SER A 108 12.71 23.51 -0.89
CA SER A 108 12.97 23.23 0.52
C SER A 108 11.65 23.32 1.26
N MET A 109 11.25 22.27 1.96
CA MET A 109 9.97 22.26 2.64
C MET A 109 10.14 22.32 4.15
N HIS A 110 11.20 22.98 4.61
CA HIS A 110 11.37 23.27 6.03
C HIS A 110 10.40 24.33 6.51
N ASP A 111 10.04 25.29 5.65
CA ASP A 111 9.23 26.44 6.03
C ASP A 111 8.17 26.73 4.98
N PRO A 112 6.89 26.74 5.34
CA PRO A 112 5.83 26.95 4.33
C PRO A 112 5.95 28.25 3.54
N LYS A 113 6.25 29.36 4.22
CA LYS A 113 6.36 30.64 3.51
C LYS A 113 7.54 30.65 2.55
N GLN A 114 8.69 30.14 2.99
CA GLN A 114 9.85 30.13 2.12
C GLN A 114 9.60 29.25 0.89
N ALA A 115 8.97 28.10 1.09
CA ALA A 115 8.64 27.24 -0.05
C ALA A 115 7.66 27.92 -0.99
N SER A 116 6.70 28.67 -0.43
CA SER A 116 5.74 29.41 -1.25
C SER A 116 6.45 30.44 -2.13
N GLU A 117 7.43 31.14 -1.56
CA GLU A 117 8.16 32.15 -2.31
C GLU A 117 8.99 31.54 -3.43
N GLU A 118 9.64 30.40 -3.16
CA GLU A 118 10.44 29.79 -4.22
C GLU A 118 9.55 29.23 -5.33
N LEU A 119 8.40 28.64 -4.97
CA LEU A 119 7.46 28.19 -6.00
C LEU A 119 7.00 29.36 -6.86
N THR A 120 6.63 30.46 -6.22
CA THR A 120 6.20 31.65 -6.94
C THR A 120 7.30 32.12 -7.90
N ARG A 121 8.56 32.15 -7.44
CA ARG A 121 9.67 32.53 -8.31
C ARG A 121 9.78 31.60 -9.51
N CYS A 122 9.70 30.30 -9.28
CA CYS A 122 9.80 29.34 -10.37
C CYS A 122 8.69 29.53 -11.40
N VAL A 123 7.45 29.67 -10.92
CA VAL A 123 6.31 29.78 -11.84
C VAL A 123 6.32 31.13 -12.55
N LYS A 124 6.39 32.23 -11.78
CA LYS A 124 6.22 33.56 -12.37
C LYS A 124 7.47 34.04 -13.11
N GLU A 125 8.66 33.72 -12.60
CA GLU A 125 9.90 34.18 -13.22
C GLU A 125 10.54 33.16 -14.15
N LEU A 126 10.42 31.85 -13.85
CA LEU A 126 11.08 30.85 -14.68
C LEU A 126 10.12 30.05 -15.55
N GLY A 127 8.80 30.25 -15.41
CA GLY A 127 7.85 29.55 -16.25
C GLY A 127 7.64 28.10 -15.87
N PHE A 128 8.00 27.72 -14.66
CA PHE A 128 7.79 26.33 -14.26
C PHE A 128 6.29 26.04 -14.13
N LEU A 129 5.97 24.75 -14.12
CA LEU A 129 4.61 24.26 -14.32
C LEU A 129 3.97 23.70 -13.06
N GLY A 130 4.68 23.73 -11.93
CA GLY A 130 4.18 23.13 -10.72
C GLY A 130 5.38 22.86 -9.83
N ALA A 131 5.12 22.07 -8.79
CA ALA A 131 6.18 21.67 -7.86
C ALA A 131 6.22 20.16 -7.81
N LEU A 132 7.41 19.59 -7.59
CA LEU A 132 7.54 18.17 -7.30
C LEU A 132 8.37 18.03 -6.05
N VAL A 133 7.80 17.40 -5.03
CA VAL A 133 8.37 17.31 -3.69
C VAL A 133 8.39 15.83 -3.31
N ASN A 134 9.53 15.38 -2.80
CA ASN A 134 9.76 13.95 -2.51
C ASN A 134 9.31 13.60 -1.09
N ASP A 135 7.99 13.63 -0.89
CA ASP A 135 7.38 13.16 0.37
C ASP A 135 7.84 14.08 1.50
N VAL A 136 7.95 13.55 2.72
CA VAL A 136 8.17 14.41 3.89
C VAL A 136 9.55 15.05 3.84
N GLN A 137 9.64 16.26 4.37
CA GLN A 137 10.93 16.94 4.51
C GLN A 137 11.62 16.41 5.76
N HIS A 138 12.84 15.92 5.60
CA HIS A 138 13.57 15.42 6.76
C HIS A 138 14.40 16.52 7.42
N ALA A 139 14.54 16.40 8.73
CA ALA A 139 15.31 17.37 9.50
C ALA A 139 15.84 16.64 10.72
N GLY A 140 16.73 17.30 11.48
CA GLY A 140 17.20 16.66 12.69
C GLY A 140 18.31 15.67 12.42
N PRO A 141 18.87 15.08 13.48
CA PRO A 141 19.94 14.07 13.26
C PRO A 141 19.41 12.87 12.51
N GLU A 142 20.12 12.50 11.44
CA GLU A 142 19.81 11.36 10.57
C GLU A 142 18.46 11.52 9.88
N GLY A 143 17.90 12.73 9.88
CA GLY A 143 16.60 12.90 9.26
C GLY A 143 15.44 12.36 10.06
N GLU A 144 15.58 12.27 11.38
CA GLU A 144 14.58 11.57 12.16
C GLU A 144 13.30 12.40 12.28
N THR A 145 13.41 13.74 12.22
CA THR A 145 12.22 14.57 12.16
C THR A 145 11.56 14.47 10.78
N HIS A 146 10.26 14.14 10.78
CA HIS A 146 9.47 13.98 9.55
C HIS A 146 8.53 15.18 9.49
N ILE A 147 8.71 16.06 8.51
CA ILE A 147 7.82 17.20 8.34
C ILE A 147 6.77 16.84 7.29
N PHE A 148 5.51 16.73 7.71
CA PHE A 148 4.38 16.45 6.83
C PHE A 148 3.68 17.75 6.44
N TYR A 149 3.08 17.78 5.25
CA TYR A 149 2.47 18.99 4.74
C TYR A 149 0.95 19.01 4.95
N ASP A 150 0.42 18.10 5.77
CA ASP A 150 -1.00 18.03 6.05
C ASP A 150 -1.37 18.71 7.37
N GLN A 151 -0.43 19.45 7.98
CA GLN A 151 -0.70 20.19 9.21
C GLN A 151 -1.06 21.65 8.92
N PRO A 152 -1.76 22.33 9.84
CA PRO A 152 -2.39 23.62 9.49
C PRO A 152 -1.44 24.70 9.01
N GLU A 153 -0.18 24.70 9.46
CA GLU A 153 0.73 25.75 9.02
C GLU A 153 0.96 25.69 7.53
N TRP A 154 0.73 24.54 6.91
CA TRP A 154 0.98 24.40 5.50
C TRP A 154 -0.11 25.01 4.61
N ASP A 155 -1.22 25.50 5.17
CA ASP A 155 -2.25 26.17 4.36
C ASP A 155 -1.67 27.37 3.63
N ILE A 156 -0.66 27.99 4.23
CA ILE A 156 -0.06 29.13 3.47
C ILE A 156 0.57 28.59 2.18
N PHE A 157 1.15 27.39 2.23
CA PHE A 157 1.68 26.87 0.98
C PHE A 157 0.58 26.45 -0.01
N TRP A 158 -0.46 25.75 0.48
CA TRP A 158 -1.54 25.34 -0.42
C TRP A 158 -2.24 26.54 -1.05
N GLN A 159 -2.42 27.63 -0.28
CA GLN A 159 -2.99 28.83 -0.88
C GLN A 159 -2.14 29.35 -2.03
N THR A 160 -0.81 29.24 -1.92
CA THR A 160 0.05 29.67 -3.02
C THR A 160 -0.12 28.78 -4.25
N CYS A 161 -0.22 27.46 -4.05
CA CYS A 161 -0.49 26.58 -5.19
C CYS A 161 -1.78 27.00 -5.90
N VAL A 162 -2.81 27.33 -5.12
CA VAL A 162 -4.08 27.73 -5.72
C VAL A 162 -3.96 29.09 -6.40
N ASP A 163 -3.22 30.03 -5.77
CA ASP A 163 -3.02 31.35 -6.39
C ASP A 163 -2.33 31.24 -7.74
N LEU A 164 -1.28 30.43 -7.82
CA LEU A 164 -0.56 30.23 -9.07
C LEU A 164 -1.30 29.30 -10.03
N ASP A 165 -2.27 28.54 -9.51
CA ASP A 165 -3.00 27.51 -10.26
C ASP A 165 -2.06 26.52 -10.93
N VAL A 166 -1.15 25.94 -10.13
CA VAL A 166 -0.27 24.89 -10.63
C VAL A 166 -0.37 23.68 -9.70
N PRO A 167 -0.11 22.48 -10.22
CA PRO A 167 -0.20 21.27 -9.39
C PRO A 167 1.04 21.02 -8.56
N PHE A 168 0.83 20.16 -7.55
CA PHE A 168 1.84 19.71 -6.60
C PHE A 168 1.99 18.20 -6.80
N TYR A 169 3.16 17.77 -7.25
CA TYR A 169 3.43 16.36 -7.50
C TYR A 169 4.11 15.78 -6.26
N LEU A 170 3.44 14.83 -5.59
CA LEU A 170 3.96 14.26 -4.34
C LEU A 170 4.62 12.94 -4.70
N HIS A 171 5.97 12.93 -4.78
CA HIS A 171 6.82 11.83 -5.21
C HIS A 171 7.37 11.09 -3.99
N PRO A 172 7.72 9.81 -4.13
CA PRO A 172 8.24 9.07 -2.97
C PRO A 172 9.70 9.38 -2.67
N GLU A 173 10.15 8.85 -1.52
CA GLU A 173 11.54 8.94 -1.09
C GLU A 173 11.85 7.75 -0.20
N PRO A 174 13.12 7.43 0.00
CA PRO A 174 13.49 6.25 0.81
C PRO A 174 13.26 6.48 2.28
N PRO A 175 13.26 5.41 3.09
CA PRO A 175 13.18 5.57 4.56
C PRO A 175 14.43 6.21 5.15
N PHE A 176 14.24 6.88 6.29
CA PHE A 176 15.32 7.50 7.05
C PHE A 176 15.31 6.99 8.48
N GLY A 177 16.47 7.13 9.14
CA GLY A 177 16.52 7.09 10.60
C GLY A 177 16.11 5.75 11.19
N SER A 178 15.33 5.82 12.27
CA SER A 178 14.95 4.61 13.00
C SER A 178 14.02 3.73 12.16
N TYR A 179 13.17 4.33 11.34
CA TYR A 179 12.28 3.58 10.45
C TYR A 179 13.08 2.74 9.47
N LEU A 180 14.11 3.34 8.86
CA LEU A 180 15.01 2.62 7.98
C LEU A 180 15.65 1.44 8.71
N ARG A 181 16.15 1.69 9.93
CA ARG A 181 16.85 0.66 10.67
C ARG A 181 15.89 -0.42 11.15
N ASN A 182 14.79 -0.03 11.79
CA ASN A 182 13.90 -1.01 12.40
C ASN A 182 13.19 -1.85 11.36
N GLN A 183 12.77 -1.25 10.24
CA GLN A 183 11.81 -1.94 9.38
C GLN A 183 12.39 -2.38 8.04
N TYR A 184 13.55 -1.86 7.63
CA TYR A 184 14.09 -2.24 6.33
C TYR A 184 15.45 -2.93 6.38
N GLU A 185 16.17 -2.90 7.51
CA GLU A 185 17.52 -3.48 7.51
C GLU A 185 17.52 -4.95 7.12
N GLY A 186 16.50 -5.69 7.52
CA GLY A 186 16.46 -7.09 7.16
C GLY A 186 15.76 -7.40 5.85
N ARG A 187 15.33 -6.39 5.11
CA ARG A 187 14.68 -6.61 3.81
C ARG A 187 15.01 -5.41 2.91
N LYS A 188 16.31 -5.15 2.72
CA LYS A 188 16.75 -3.91 2.07
C LYS A 188 16.30 -3.80 0.62
N TYR A 189 16.04 -4.92 -0.06
CA TYR A 189 15.58 -4.81 -1.45
C TYR A 189 14.13 -4.36 -1.55
N LEU A 190 13.45 -4.15 -0.43
CA LEU A 190 12.10 -3.59 -0.48
C LEU A 190 12.11 -2.06 -0.36
N ILE A 191 13.29 -1.46 -0.18
CA ILE A 191 13.41 -0.01 -0.29
C ILE A 191 13.23 0.40 -1.74
N GLY A 192 12.29 1.31 -1.98
CA GLY A 192 12.01 1.78 -3.32
C GLY A 192 10.68 1.29 -3.85
N PRO A 193 10.61 1.09 -5.15
CA PRO A 193 9.33 0.70 -5.80
C PRO A 193 8.66 -0.51 -5.20
N PRO A 194 9.36 -1.52 -4.65
CA PRO A 194 8.61 -2.72 -4.20
C PRO A 194 7.58 -2.43 -3.13
N VAL A 195 7.85 -1.54 -2.17
CA VAL A 195 6.77 -1.22 -1.22
C VAL A 195 7.01 0.10 -0.48
N SER A 196 8.27 0.43 -0.16
CA SER A 196 8.47 1.51 0.79
C SER A 196 8.03 2.83 0.19
N PHE A 197 8.26 3.03 -1.11
CA PHE A 197 7.90 4.28 -1.76
C PHE A 197 6.41 4.57 -1.62
N ALA A 198 5.57 3.63 -2.06
CA ALA A 198 4.15 3.92 -2.03
C ALA A 198 3.61 3.97 -0.60
N ASN A 199 4.21 3.19 0.31
CA ASN A 199 3.78 3.25 1.70
C ASN A 199 3.85 4.68 2.22
N GLY A 200 4.94 5.39 1.92
CA GLY A 200 5.08 6.76 2.37
C GLY A 200 4.15 7.74 1.67
N VAL A 201 4.06 7.66 0.34
CA VAL A 201 3.26 8.67 -0.37
C VAL A 201 1.78 8.50 -0.04
N SER A 202 1.30 7.26 -0.01
CA SER A 202 -0.11 7.04 0.31
C SER A 202 -0.45 7.57 1.69
N LEU A 203 0.42 7.31 2.68
CA LEU A 203 0.20 7.88 4.01
C LEU A 203 0.09 9.40 3.96
N HIS A 204 0.98 10.04 3.17
CA HIS A 204 1.04 11.50 3.17
C HIS A 204 -0.17 12.09 2.46
N VAL A 205 -0.56 11.56 1.30
CA VAL A 205 -1.70 12.16 0.61
C VAL A 205 -3.01 11.83 1.31
N LEU A 206 -3.12 10.63 1.89
CA LEU A 206 -4.30 10.36 2.72
C LEU A 206 -4.32 11.26 3.94
N GLY A 207 -3.13 11.64 4.44
CA GLY A 207 -3.05 12.63 5.51
C GLY A 207 -3.62 13.97 5.10
N MET A 208 -3.29 14.43 3.89
CA MET A 208 -3.85 15.66 3.38
C MET A 208 -5.37 15.56 3.30
N ILE A 209 -5.86 14.40 2.84
CA ILE A 209 -7.31 14.21 2.73
C ILE A 209 -7.97 14.29 4.09
N VAL A 210 -7.51 13.48 5.05
CA VAL A 210 -8.25 13.38 6.30
C VAL A 210 -8.06 14.62 7.16
N ASN A 211 -7.00 15.37 6.94
CA ASN A 211 -6.81 16.62 7.69
C ASN A 211 -7.51 17.79 7.02
N GLY A 212 -8.25 17.53 5.93
CA GLY A 212 -9.13 18.54 5.36
C GLY A 212 -8.47 19.49 4.40
N VAL A 213 -7.25 19.19 3.92
CA VAL A 213 -6.56 20.13 3.04
C VAL A 213 -7.40 20.41 1.80
N PHE A 214 -7.99 19.38 1.20
CA PHE A 214 -8.74 19.61 -0.03
C PHE A 214 -10.13 20.17 0.24
N ASP A 215 -10.61 20.10 1.48
CA ASP A 215 -11.85 20.80 1.82
C ASP A 215 -11.62 22.29 1.94
N ARG A 216 -10.48 22.70 2.50
CA ARG A 216 -10.19 24.12 2.64
C ARG A 216 -9.69 24.72 1.34
N PHE A 217 -9.11 23.89 0.47
CA PHE A 217 -8.55 24.32 -0.81
C PHE A 217 -9.12 23.45 -1.92
N PRO A 218 -10.41 23.59 -2.22
CA PRO A 218 -11.05 22.70 -3.21
C PRO A 218 -10.46 22.82 -4.61
N LYS A 219 -9.77 23.91 -4.94
CA LYS A 219 -9.13 24.06 -6.24
C LYS A 219 -7.70 23.52 -6.28
N LEU A 220 -7.17 23.00 -5.17
CA LEU A 220 -5.80 22.49 -5.16
C LEU A 220 -5.67 21.27 -6.05
N LYS A 221 -4.56 21.19 -6.79
CA LYS A 221 -4.30 20.09 -7.72
C LYS A 221 -3.08 19.32 -7.25
N VAL A 222 -3.23 17.99 -7.08
CA VAL A 222 -2.13 17.14 -6.65
C VAL A 222 -1.98 15.99 -7.64
N ILE A 223 -0.72 15.61 -7.90
CA ILE A 223 -0.41 14.50 -8.78
C ILE A 223 0.28 13.41 -7.99
N LEU A 224 -0.13 12.16 -8.22
CA LEU A 224 0.54 10.97 -7.68
C LEU A 224 1.04 10.11 -8.83
N GLY A 225 2.27 9.59 -8.70
CA GLY A 225 2.80 8.67 -9.67
C GLY A 225 2.40 7.23 -9.40
N HIS A 226 2.87 6.34 -10.28
CA HIS A 226 2.81 4.90 -10.03
C HIS A 226 1.37 4.42 -9.85
N LEU A 227 0.46 5.03 -10.63
CA LEU A 227 -0.98 4.75 -10.61
C LEU A 227 -1.57 4.80 -9.20
N GLY A 228 -1.12 5.77 -8.41
CA GLY A 228 -1.81 6.11 -7.19
C GLY A 228 -1.29 5.46 -5.92
N GLU A 229 -0.11 4.81 -5.97
CA GLU A 229 0.64 4.49 -4.75
C GLU A 229 -0.17 3.63 -3.79
N HIS A 230 -0.76 2.55 -4.33
CA HIS A 230 -1.53 1.51 -3.63
C HIS A 230 -2.98 1.91 -3.38
N ILE A 231 -3.36 3.17 -3.56
CA ILE A 231 -4.67 3.59 -3.08
C ILE A 231 -5.80 3.03 -3.94
N PRO A 232 -5.71 2.99 -5.28
CA PRO A 232 -6.90 2.58 -6.05
C PRO A 232 -7.42 1.20 -5.69
N GLY A 233 -6.53 0.22 -5.50
CA GLY A 233 -6.97 -1.11 -5.11
C GLY A 233 -7.70 -1.08 -3.78
N ASP A 234 -7.46 -0.06 -2.95
CA ASP A 234 -8.12 0.06 -1.67
C ASP A 234 -9.20 1.14 -1.66
N PHE A 235 -9.64 1.64 -2.83
CA PHE A 235 -10.66 2.69 -2.82
C PHE A 235 -11.86 2.26 -1.99
N TRP A 236 -12.35 1.02 -2.22
CA TRP A 236 -13.54 0.58 -1.49
C TRP A 236 -13.26 0.52 0.01
N ARG A 237 -12.16 -0.12 0.40
CA ARG A 237 -11.89 -0.36 1.80
C ARG A 237 -11.65 0.95 2.55
N ILE A 238 -10.92 1.89 1.97
CA ILE A 238 -10.65 3.13 2.67
C ILE A 238 -11.94 3.91 2.88
N GLU A 239 -12.72 4.11 1.81
CA GLU A 239 -13.98 4.83 1.98
C GLU A 239 -14.93 4.11 2.92
N HIS A 240 -15.01 2.78 2.80
CA HIS A 240 -15.87 2.04 3.73
C HIS A 240 -15.45 2.32 5.18
N TRP A 241 -14.15 2.31 5.46
CA TRP A 241 -13.70 2.52 6.84
C TRP A 241 -13.99 3.96 7.29
N PHE A 242 -13.84 4.92 6.38
CA PHE A 242 -14.15 6.31 6.74
C PHE A 242 -15.62 6.45 7.11
N GLU A 243 -16.51 5.74 6.41
N GLU A 243 -16.51 5.73 6.41
CA GLU A 243 -17.93 5.82 6.68
CA GLU A 243 -17.94 5.81 6.67
C GLU A 243 -18.27 5.08 7.97
C GLU A 243 -18.34 5.04 7.92
N HIS A 244 -17.73 3.87 8.12
CA HIS A 244 -18.09 2.98 9.22
C HIS A 244 -17.45 3.40 10.54
N CYS A 245 -16.23 3.97 10.49
CA CYS A 245 -15.46 4.32 11.69
C CYS A 245 -15.07 5.77 11.71
N SER A 246 -14.21 6.21 10.78
CA SER A 246 -13.40 7.41 11.01
C SER A 246 -14.25 8.67 11.06
N ARG A 247 -15.15 8.85 10.10
CA ARG A 247 -15.90 10.10 10.03
C ARG A 247 -16.82 10.26 11.24
N PRO A 248 -17.64 9.26 11.63
CA PRO A 248 -18.45 9.49 12.85
C PRO A 248 -17.61 9.58 14.12
N LEU A 249 -16.47 8.88 14.21
CA LEU A 249 -15.61 8.98 15.38
C LEU A 249 -15.01 10.38 15.50
N ALA A 250 -14.47 10.91 14.39
CA ALA A 250 -13.92 12.26 14.40
C ALA A 250 -15.02 13.26 14.73
N LYS A 251 -16.21 13.07 14.16
CA LYS A 251 -17.27 14.04 14.40
C LYS A 251 -17.68 14.04 15.87
N SER A 252 -17.63 12.86 16.53
CA SER A 252 -18.02 12.79 17.93
C SER A 252 -17.03 13.51 18.86
N ARG A 253 -15.78 13.69 18.39
CA ARG A 253 -14.73 14.36 19.15
C ARG A 253 -14.56 15.82 18.74
N GLY A 254 -15.19 16.28 17.67
CA GLY A 254 -14.91 17.59 17.14
C GLY A 254 -13.59 17.68 16.40
N ASP A 255 -13.05 16.55 15.96
CA ASP A 255 -11.81 16.52 15.19
C ASP A 255 -12.10 16.79 13.72
N VAL A 256 -11.16 17.49 13.08
CA VAL A 256 -11.23 17.67 11.62
C VAL A 256 -11.23 16.32 10.92
N PHE A 257 -12.06 16.21 9.87
CA PHE A 257 -12.03 15.03 9.01
C PHE A 257 -12.49 15.40 7.61
N ALA A 258 -12.12 14.57 6.63
CA ALA A 258 -12.55 14.79 5.25
C ALA A 258 -14.06 14.90 5.16
N GLU A 259 -14.54 15.92 4.45
CA GLU A 259 -15.98 16.12 4.38
C GLU A 259 -16.64 15.25 3.31
N LYS A 260 -15.91 14.86 2.29
CA LYS A 260 -16.47 14.17 1.12
C LYS A 260 -15.95 12.74 1.02
N PRO A 261 -16.59 11.90 0.20
CA PRO A 261 -16.06 10.55 -0.03
C PRO A 261 -14.68 10.58 -0.67
N LEU A 262 -13.92 9.52 -0.38
CA LEU A 262 -12.57 9.41 -0.93
C LEU A 262 -12.54 9.65 -2.45
N LEU A 263 -13.48 9.06 -3.20
CA LEU A 263 -13.39 9.18 -4.65
C LEU A 263 -13.66 10.60 -5.13
N HIS A 264 -14.34 11.43 -4.34
CA HIS A 264 -14.48 12.83 -4.72
C HIS A 264 -13.11 13.46 -4.91
N TYR A 265 -12.19 13.23 -3.96
CA TYR A 265 -10.88 13.85 -4.06
C TYR A 265 -10.10 13.30 -5.25
N PHE A 266 -10.27 12.00 -5.54
CA PHE A 266 -9.60 11.42 -6.68
C PHE A 266 -10.29 11.73 -8.00
N ARG A 267 -11.46 12.36 -7.97
CA ARG A 267 -12.13 12.79 -9.18
C ARG A 267 -12.13 14.31 -9.35
N ASN A 268 -11.57 15.05 -8.39
CA ASN A 268 -11.60 16.52 -8.39
C ASN A 268 -10.24 17.13 -8.15
N ASN A 269 -9.45 16.57 -7.22
CA ASN A 269 -8.21 17.20 -6.81
C ASN A 269 -6.94 16.45 -7.20
N ILE A 270 -7.04 15.17 -7.53
CA ILE A 270 -5.85 14.32 -7.67
C ILE A 270 -5.85 13.70 -9.06
N TRP A 271 -4.67 13.72 -9.70
CA TRP A 271 -4.42 13.05 -10.97
C TRP A 271 -3.38 11.95 -10.74
N LEU A 272 -3.46 10.87 -11.52
CA LEU A 272 -2.49 9.78 -11.42
C LEU A 272 -1.61 9.76 -12.66
N THR A 273 -0.35 9.32 -12.52
CA THR A 273 0.43 9.02 -13.71
C THR A 273 0.76 7.54 -13.81
N THR A 274 1.19 7.10 -15.00
CA THR A 274 1.58 5.72 -15.23
C THR A 274 3.06 5.46 -14.95
N SER A 275 3.74 6.36 -14.24
CA SER A 275 5.17 6.22 -14.03
C SER A 275 5.51 4.87 -13.42
N GLY A 276 6.48 4.18 -14.02
CA GLY A 276 6.89 2.88 -13.48
C GLY A 276 5.77 1.88 -13.34
N ASN A 277 4.70 1.99 -14.13
CA ASN A 277 3.55 1.11 -13.90
C ASN A 277 2.90 0.89 -15.27
N PHE A 278 3.65 0.22 -16.15
CA PHE A 278 3.28 -0.01 -17.56
C PHE A 278 2.38 -1.24 -17.66
N SER A 279 1.26 -1.17 -16.93
CA SER A 279 0.36 -2.28 -16.68
C SER A 279 -1.01 -1.97 -17.27
N THR A 280 -1.37 -2.59 -18.40
CA THR A 280 -2.69 -2.33 -18.98
C THR A 280 -3.83 -2.72 -18.05
N GLU A 281 -3.67 -3.82 -17.31
CA GLU A 281 -4.71 -4.26 -16.39
C GLU A 281 -4.88 -3.30 -15.22
N THR A 282 -3.77 -2.79 -14.65
CA THR A 282 -3.91 -1.85 -13.54
C THR A 282 -4.44 -0.52 -14.03
N LEU A 283 -3.96 -0.07 -15.20
CA LEU A 283 -4.50 1.12 -15.83
C LEU A 283 -6.01 1.02 -16.02
N LYS A 284 -6.48 -0.13 -16.52
CA LYS A 284 -7.92 -0.30 -16.73
C LYS A 284 -8.70 -0.11 -15.44
N PHE A 285 -8.24 -0.75 -14.36
CA PHE A 285 -8.91 -0.64 -13.07
C PHE A 285 -8.95 0.82 -12.60
N CYS A 286 -7.84 1.54 -12.76
CA CYS A 286 -7.83 2.93 -12.35
C CYS A 286 -8.79 3.78 -13.19
N VAL A 287 -8.78 3.60 -14.52
CA VAL A 287 -9.69 4.33 -15.39
C VAL A 287 -11.14 4.11 -14.97
N GLU A 288 -11.49 2.86 -14.65
CA GLU A 288 -12.85 2.53 -14.26
C GLU A 288 -13.31 3.29 -13.01
N HIS A 289 -12.38 3.73 -12.15
CA HIS A 289 -12.73 4.43 -10.91
C HIS A 289 -12.59 5.95 -10.98
N VAL A 290 -11.51 6.48 -11.56
CA VAL A 290 -11.29 7.92 -11.55
C VAL A 290 -11.56 8.56 -12.90
N GLY A 291 -11.71 7.78 -13.96
CA GLY A 291 -11.94 8.32 -15.29
C GLY A 291 -10.66 8.43 -16.12
N ALA A 292 -10.77 8.17 -17.42
CA ALA A 292 -9.60 8.27 -18.29
C ALA A 292 -9.03 9.68 -18.31
N GLU A 293 -9.83 10.70 -18.00
CA GLU A 293 -9.35 12.08 -18.03
C GLU A 293 -8.41 12.41 -16.88
N ARG A 294 -8.27 11.55 -15.88
CA ARG A 294 -7.49 11.87 -14.70
C ARG A 294 -6.21 11.05 -14.61
N ILE A 295 -5.83 10.35 -15.68
CA ILE A 295 -4.61 9.57 -15.68
C ILE A 295 -3.71 10.10 -16.78
N LEU A 296 -2.42 10.27 -16.46
CA LEU A 296 -1.43 10.86 -17.35
C LEU A 296 -0.33 9.85 -17.63
N PHE A 297 0.04 9.69 -18.90
CA PHE A 297 1.23 8.91 -19.21
C PHE A 297 2.45 9.52 -18.53
N SER A 298 3.39 8.67 -18.13
CA SER A 298 4.75 9.08 -17.72
C SER A 298 5.61 7.85 -17.64
N VAL A 299 6.93 8.06 -17.71
CA VAL A 299 7.90 6.94 -17.71
C VAL A 299 8.51 6.65 -16.33
N ASP A 300 9.01 7.69 -15.64
CA ASP A 300 9.87 7.68 -14.44
C ASP A 300 11.32 7.41 -14.86
N SER A 301 11.76 8.05 -15.94
CA SER A 301 13.20 8.04 -16.26
C SER A 301 13.94 8.87 -15.21
N PRO A 302 15.20 8.51 -14.90
CA PRO A 302 16.01 7.43 -15.51
C PRO A 302 15.94 6.09 -14.77
N TYR A 303 15.09 5.98 -13.75
CA TYR A 303 14.97 4.72 -13.04
C TYR A 303 14.25 3.68 -13.87
N GLU A 304 13.35 4.12 -14.75
CA GLU A 304 12.79 3.30 -15.81
C GLU A 304 13.35 3.76 -17.15
N HIS A 305 13.26 2.88 -18.14
CA HIS A 305 13.80 3.15 -19.46
C HIS A 305 12.74 3.72 -20.38
N ILE A 306 13.06 4.85 -21.02
CA ILE A 306 12.11 5.52 -21.93
C ILE A 306 11.62 4.57 -23.00
N ASP A 307 12.53 3.78 -23.60
CA ASP A 307 12.12 2.87 -24.66
C ASP A 307 11.11 1.84 -24.15
N VAL A 308 11.19 1.48 -22.86
CA VAL A 308 10.31 0.46 -22.28
C VAL A 308 8.94 1.05 -22.00
N GLY A 309 8.91 2.22 -21.37
CA GLY A 309 7.63 2.86 -21.07
C GLY A 309 6.88 3.29 -22.32
N CYS A 310 7.58 3.96 -23.25
CA CYS A 310 6.94 4.31 -24.53
C CYS A 310 6.61 3.08 -25.35
N GLY A 311 7.49 2.06 -25.30
CA GLY A 311 7.19 0.80 -25.97
C GLY A 311 5.90 0.17 -25.51
N TRP A 312 5.65 0.16 -24.19
CA TRP A 312 4.38 -0.36 -23.70
C TRP A 312 3.22 0.40 -24.31
N TYR A 313 3.23 1.73 -24.17
CA TYR A 313 2.09 2.52 -24.60
C TYR A 313 1.91 2.46 -26.12
N ASP A 314 3.02 2.49 -26.87
CA ASP A 314 2.94 2.51 -28.34
C ASP A 314 2.59 1.14 -28.91
N ASP A 315 3.33 0.10 -28.50
CA ASP A 315 3.22 -1.21 -29.14
C ASP A 315 1.90 -1.92 -28.81
N ASN A 316 1.26 -1.55 -27.71
CA ASN A 316 -0.01 -2.15 -27.29
C ASN A 316 -1.18 -1.19 -27.49
N ALA A 317 -1.05 -0.25 -28.44
CA ALA A 317 -2.04 0.81 -28.59
C ALA A 317 -3.46 0.26 -28.70
N LYS A 318 -3.65 -0.75 -29.55
CA LYS A 318 -4.99 -1.31 -29.75
C LYS A 318 -5.57 -1.90 -28.45
N ALA A 319 -4.77 -2.71 -27.74
CA ALA A 319 -5.27 -3.30 -26.50
C ALA A 319 -5.52 -2.26 -25.42
N ILE A 320 -4.63 -1.26 -25.32
CA ILE A 320 -4.81 -0.20 -24.34
C ILE A 320 -6.06 0.61 -24.66
N MET A 321 -6.23 1.00 -25.93
CA MET A 321 -7.46 1.70 -26.33
C MET A 321 -8.71 0.97 -25.88
N GLU A 322 -8.75 -0.36 -26.11
CA GLU A 322 -9.92 -1.13 -25.69
C GLU A 322 -10.10 -1.07 -24.18
N ALA A 323 -8.99 -1.11 -23.43
CA ALA A 323 -9.05 -1.16 -21.98
C ALA A 323 -9.47 0.18 -21.38
N VAL A 324 -9.13 1.30 -22.03
CA VAL A 324 -9.37 2.60 -21.42
C VAL A 324 -10.58 3.31 -22.03
N GLY A 325 -11.24 2.72 -23.02
CA GLY A 325 -12.50 3.27 -23.51
C GLY A 325 -12.44 3.99 -24.84
N GLY A 326 -11.40 3.77 -25.63
CA GLY A 326 -11.42 4.20 -27.02
C GLY A 326 -10.31 5.19 -27.33
N GLU A 327 -10.37 5.71 -28.56
CA GLU A 327 -9.25 6.48 -29.09
C GLU A 327 -9.06 7.79 -28.34
N LYS A 328 -10.15 8.49 -28.05
CA LYS A 328 -10.01 9.75 -27.33
C LYS A 328 -9.40 9.53 -25.96
N ALA A 329 -9.86 8.50 -25.24
CA ALA A 329 -9.30 8.18 -23.93
C ALA A 329 -7.81 7.89 -24.03
N TYR A 330 -7.42 7.15 -25.07
CA TYR A 330 -6.01 6.80 -25.26
C TYR A 330 -5.16 8.05 -25.51
N LYS A 331 -5.66 8.98 -26.34
CA LYS A 331 -4.90 10.19 -26.61
C LYS A 331 -4.96 11.15 -25.43
N ASP A 332 -6.05 11.12 -24.67
CA ASP A 332 -6.12 11.91 -23.45
C ASP A 332 -5.04 11.47 -22.46
N ILE A 333 -4.96 10.17 -22.19
CA ILE A 333 -3.93 9.67 -21.26
C ILE A 333 -2.52 9.93 -21.81
N GLY A 334 -2.30 9.70 -23.12
CA GLY A 334 -0.97 9.90 -23.66
C GLY A 334 -0.49 11.34 -23.65
N ARG A 335 -1.42 12.29 -23.83
CA ARG A 335 -1.02 13.67 -24.15
C ARG A 335 -2.00 14.72 -23.68
N ASP A 336 -3.28 14.56 -24.04
CA ASP A 336 -4.14 15.74 -23.96
C ASP A 336 -4.60 16.03 -22.54
N ASN A 337 -4.64 15.03 -21.65
CA ASN A 337 -4.93 15.36 -20.26
C ASN A 337 -3.87 16.29 -19.68
N ALA A 338 -2.60 15.95 -19.90
CA ALA A 338 -1.53 16.80 -19.39
C ALA A 338 -1.48 18.13 -20.13
N LYS A 339 -1.73 18.13 -21.44
CA LYS A 339 -1.72 19.39 -22.19
C LYS A 339 -2.68 20.38 -21.56
N LYS A 340 -3.86 19.92 -21.19
CA LYS A 340 -4.87 20.80 -20.62
C LYS A 340 -4.54 21.14 -19.17
N LEU A 341 -4.10 20.15 -18.38
CA LEU A 341 -3.81 20.38 -16.96
C LEU A 341 -2.70 21.41 -16.78
N PHE A 342 -1.64 21.32 -17.58
CA PHE A 342 -0.53 22.25 -17.46
C PHE A 342 -0.64 23.45 -18.40
N LYS A 343 -1.76 23.60 -19.11
CA LYS A 343 -1.98 24.75 -20.01
C LYS A 343 -0.89 24.83 -21.07
N LEU A 344 -0.43 23.69 -21.54
CA LEU A 344 0.65 23.77 -22.52
C LEU A 344 0.10 24.34 -23.82
N GLY A 345 0.87 25.20 -24.44
CA GLY A 345 0.42 25.73 -25.70
C GLY A 345 0.62 24.69 -26.79
N LYS A 346 0.94 25.18 -27.98
CA LYS A 346 1.54 24.34 -28.99
C LYS A 346 2.86 23.79 -28.46
N PHE A 347 3.14 22.51 -28.71
CA PHE A 347 4.46 21.98 -28.40
C PHE A 347 4.80 20.92 -29.43
N TYR A 348 6.00 20.37 -29.31
CA TYR A 348 6.51 19.39 -30.27
C TYR A 348 5.54 18.23 -30.47
N ASP A 349 5.07 18.04 -31.70
CA ASP A 349 4.14 16.98 -32.07
C ASP A 349 2.82 17.03 -31.30
N SER A 350 2.42 18.21 -30.81
CA SER A 350 1.27 18.27 -29.89
C SER A 350 -0.08 18.02 -30.57
N GLU A 351 -0.14 18.09 -31.90
CA GLU A 351 -1.37 17.82 -32.61
C GLU A 351 -1.31 16.53 -33.41
N ALA A 352 -0.22 15.78 -33.29
CA ALA A 352 -0.03 14.49 -33.94
C ALA A 352 -1.21 13.54 -33.74
N GLY B 1 -28.29 -16.86 -6.67
CA GLY B 1 -28.69 -17.41 -5.39
C GLY B 1 -27.58 -17.40 -4.35
N SER B 2 -27.88 -16.84 -3.17
CA SER B 2 -26.95 -16.84 -2.06
C SER B 2 -26.77 -18.25 -1.50
N MET B 3 -25.75 -18.41 -0.66
CA MET B 3 -25.42 -19.70 -0.08
C MET B 3 -25.33 -19.58 1.43
N ARG B 4 -25.59 -20.70 2.10
CA ARG B 4 -25.30 -20.83 3.52
C ARG B 4 -24.04 -21.65 3.70
N GLY B 5 -23.61 -21.82 4.95
CA GLY B 5 -22.41 -22.59 5.19
C GLY B 5 -21.13 -21.87 4.86
N LYS B 6 -21.16 -20.55 4.76
CA LYS B 6 -19.93 -19.82 4.44
C LYS B 6 -18.91 -20.00 5.57
N VAL B 7 -17.62 -19.95 5.19
CA VAL B 7 -16.55 -20.04 6.21
C VAL B 7 -16.00 -18.63 6.40
N SER B 8 -15.81 -18.23 7.63
CA SER B 8 -15.32 -16.88 7.96
C SER B 8 -14.16 -17.06 8.94
N LEU B 9 -12.98 -16.51 8.61
CA LEU B 9 -11.78 -16.84 9.40
C LEU B 9 -10.84 -15.66 9.74
N GLU B 10 -11.38 -14.45 9.88
CA GLU B 10 -10.55 -13.35 10.44
C GLU B 10 -11.38 -12.73 11.58
N GLU B 11 -11.86 -13.58 12.45
CA GLU B 11 -12.85 -13.19 13.49
C GLU B 11 -12.14 -13.14 14.85
N ALA B 12 -12.06 -11.95 15.43
CA ALA B 12 -11.20 -11.75 16.60
C ALA B 12 -11.94 -11.80 17.93
N PHE B 13 -11.18 -12.13 18.96
CA PHE B 13 -11.65 -12.08 20.34
C PHE B 13 -10.54 -11.51 21.25
N GLU B 14 -10.89 -11.23 22.50
CA GLU B 14 -9.92 -10.91 23.55
C GLU B 14 -10.35 -11.64 24.82
N LEU B 15 -9.39 -11.92 25.69
CA LEU B 15 -9.71 -12.51 26.99
C LEU B 15 -10.66 -11.60 27.77
N PRO B 16 -11.76 -12.13 28.31
CA PRO B 16 -12.71 -11.28 29.03
C PRO B 16 -12.10 -10.49 30.19
N LYS B 17 -11.10 -11.04 30.86
CA LYS B 17 -10.55 -10.30 31.99
C LYS B 17 -9.81 -9.05 31.56
N PHE B 18 -9.46 -8.94 30.27
CA PHE B 18 -8.82 -7.74 29.73
C PHE B 18 -9.81 -6.84 29.00
N ALA B 19 -11.08 -6.83 29.44
CA ALA B 19 -12.08 -5.97 28.84
C ALA B 19 -11.60 -4.51 28.77
N ALA B 20 -10.83 -4.07 29.77
CA ALA B 20 -10.37 -2.68 29.78
C ALA B 20 -9.45 -2.38 28.61
N GLN B 21 -8.65 -3.36 28.18
CA GLN B 21 -7.78 -3.14 27.03
C GLN B 21 -8.60 -2.95 25.75
N THR B 22 -9.82 -3.50 25.70
CA THR B 22 -10.62 -3.36 24.48
C THR B 22 -11.17 -1.95 24.32
N LYS B 23 -11.34 -1.19 25.41
CA LYS B 23 -11.77 0.20 25.27
C LYS B 23 -10.72 1.01 24.52
N GLU B 24 -9.45 0.68 24.74
CA GLU B 24 -8.38 1.33 24.02
C GLU B 24 -8.47 1.05 22.53
N LYS B 25 -8.75 -0.21 22.15
CA LYS B 25 -8.95 -0.51 20.74
C LYS B 25 -10.19 0.19 20.20
N ALA B 26 -11.23 0.28 21.03
CA ALA B 26 -12.44 0.98 20.59
C ALA B 26 -12.13 2.42 20.22
N GLU B 27 -11.24 3.08 20.97
CA GLU B 27 -10.90 4.47 20.63
C GLU B 27 -10.10 4.59 19.34
N LEU B 28 -9.49 3.49 18.87
CA LEU B 28 -8.81 3.54 17.58
C LEU B 28 -9.72 3.18 16.42
N TYR B 29 -10.70 2.29 16.63
CA TYR B 29 -11.34 1.57 15.54
C TYR B 29 -12.87 1.54 15.53
N ILE B 30 -13.55 2.07 16.56
CA ILE B 30 -14.98 1.83 16.70
C ILE B 30 -15.72 3.16 16.91
N ALA B 31 -16.65 3.48 15.99
CA ALA B 31 -17.49 4.66 16.13
C ALA B 31 -18.40 4.53 17.35
N PRO B 32 -18.75 5.66 17.99
CA PRO B 32 -19.57 5.58 19.22
C PRO B 32 -20.81 4.72 19.13
N ASN B 33 -21.55 4.81 18.02
CA ASN B 33 -22.80 4.06 17.92
C ASN B 33 -22.57 2.56 17.86
N ASN B 34 -21.34 2.13 17.57
CA ASN B 34 -21.01 0.72 17.45
C ASN B 34 -20.30 0.18 18.68
N ARG B 35 -20.15 0.98 19.74
CA ARG B 35 -19.35 0.54 20.88
C ARG B 35 -20.02 -0.61 21.63
N ASP B 36 -21.31 -0.50 21.92
CA ASP B 36 -21.98 -1.55 22.68
C ASP B 36 -21.85 -2.90 21.97
N ARG B 37 -22.05 -2.91 20.65
CA ARG B 37 -21.95 -4.16 19.91
C ARG B 37 -20.52 -4.68 19.92
N TYR B 38 -19.54 -3.80 19.70
CA TYR B 38 -18.15 -4.23 19.71
C TYR B 38 -17.79 -4.91 21.04
N PHE B 39 -18.16 -4.28 22.16
CA PHE B 39 -17.75 -4.83 23.44
C PHE B 39 -18.40 -6.19 23.69
N GLU B 40 -19.66 -6.35 23.29
CA GLU B 40 -20.30 -7.64 23.44
C GLU B 40 -19.63 -8.69 22.56
N GLU B 41 -19.30 -8.34 21.32
CA GLU B 41 -18.80 -9.35 20.38
C GLU B 41 -17.38 -9.75 20.73
N ILE B 42 -16.52 -8.77 21.02
CA ILE B 42 -15.09 -9.09 21.20
C ILE B 42 -14.90 -9.95 22.44
N LEU B 43 -15.81 -9.87 23.42
CA LEU B 43 -15.64 -10.61 24.66
C LEU B 43 -16.52 -11.85 24.75
N ASN B 44 -17.31 -12.17 23.73
CA ASN B 44 -18.23 -13.31 23.78
C ASN B 44 -18.27 -14.06 22.46
N PRO B 45 -17.32 -14.96 22.23
CA PRO B 45 -17.35 -15.77 20.99
C PRO B 45 -18.68 -16.49 20.75
N CYS B 46 -19.41 -16.85 21.80
CA CYS B 46 -20.64 -17.63 21.68
C CYS B 46 -21.90 -16.78 21.87
N GLY B 47 -21.79 -15.45 21.88
CA GLY B 47 -22.91 -14.57 22.12
C GLY B 47 -23.61 -14.11 20.86
N ASN B 48 -24.00 -12.82 20.77
CA ASN B 48 -24.76 -12.36 19.61
C ASN B 48 -24.06 -12.60 18.29
N ARG B 49 -22.72 -12.62 18.28
CA ARG B 49 -22.05 -12.80 17.00
C ARG B 49 -22.33 -14.19 16.43
N LEU B 50 -22.52 -15.18 17.30
CA LEU B 50 -22.90 -16.51 16.86
C LEU B 50 -24.32 -16.50 16.31
N GLU B 51 -25.23 -15.81 16.99
CA GLU B 51 -26.60 -15.71 16.50
C GLU B 51 -26.66 -15.03 15.14
N LEU B 52 -25.87 -13.96 14.94
CA LEU B 52 -25.84 -13.31 13.64
C LEU B 52 -25.23 -14.23 12.58
N SER B 53 -24.18 -14.95 12.95
CA SER B 53 -23.55 -15.87 12.00
C SER B 53 -24.55 -16.93 11.54
N ASN B 54 -25.33 -17.47 12.48
CA ASN B 54 -26.35 -18.46 12.11
C ASN B 54 -27.40 -17.85 11.20
N LYS B 55 -27.85 -16.64 11.53
CA LYS B 55 -28.88 -15.99 10.73
C LYS B 55 -28.38 -15.73 9.31
N HIS B 56 -27.13 -15.29 9.18
CA HIS B 56 -26.62 -14.80 7.90
C HIS B 56 -25.88 -15.85 7.11
N GLY B 57 -25.98 -17.13 7.50
CA GLY B 57 -25.50 -18.19 6.65
C GLY B 57 -24.01 -18.44 6.71
N ILE B 58 -23.39 -18.23 7.87
CA ILE B 58 -22.03 -18.71 8.12
C ILE B 58 -22.11 -20.10 8.72
N GLY B 59 -21.34 -21.03 8.17
CA GLY B 59 -21.30 -22.40 8.63
C GLY B 59 -20.16 -22.69 9.57
N TYR B 60 -19.07 -21.94 9.45
CA TYR B 60 -17.89 -22.26 10.25
C TYR B 60 -17.10 -20.98 10.46
N THR B 61 -16.89 -20.63 11.72
CA THR B 61 -16.14 -19.44 12.12
C THR B 61 -14.82 -19.89 12.73
N ILE B 62 -13.69 -19.37 12.24
CA ILE B 62 -12.41 -19.60 12.88
C ILE B 62 -12.01 -18.35 13.64
N TYR B 63 -11.88 -18.48 14.97
CA TYR B 63 -11.56 -17.38 15.85
C TYR B 63 -10.06 -17.21 16.03
N SER B 64 -9.66 -15.97 16.28
CA SER B 64 -8.25 -15.63 16.46
C SER B 64 -8.16 -14.48 17.46
N ILE B 65 -6.98 -14.31 18.06
CA ILE B 65 -6.77 -13.23 19.01
C ILE B 65 -6.73 -11.90 18.28
N TYR B 66 -7.24 -10.85 18.92
CA TYR B 66 -7.28 -9.54 18.26
C TYR B 66 -5.88 -8.93 18.26
N SER B 67 -5.79 -7.68 17.79
CA SER B 67 -4.49 -7.10 17.47
C SER B 67 -4.20 -5.89 18.34
N PRO B 68 -2.94 -5.73 18.82
CA PRO B 68 -1.79 -6.60 18.54
C PRO B 68 -1.80 -7.92 19.28
N GLY B 69 -2.61 -8.06 20.33
CA GLY B 69 -2.61 -9.30 21.07
C GLY B 69 -1.20 -9.55 21.56
N PRO B 70 -0.72 -10.80 21.46
CA PRO B 70 0.63 -11.10 21.96
C PRO B 70 1.73 -10.28 21.31
N GLN B 71 1.53 -9.86 20.06
CA GLN B 71 2.59 -9.11 19.39
C GLN B 71 2.84 -7.75 20.03
N GLY B 72 1.95 -7.27 20.91
CA GLY B 72 2.16 -6.04 21.62
C GLY B 72 2.74 -6.20 23.01
N TRP B 73 2.93 -7.44 23.47
CA TRP B 73 3.47 -7.74 24.79
C TRP B 73 4.99 -7.88 24.69
N THR B 74 5.72 -6.90 25.22
CA THR B 74 7.15 -6.79 24.98
C THR B 74 8.01 -7.64 25.91
N GLU B 75 7.45 -8.18 26.99
CA GLU B 75 8.22 -9.00 27.92
C GLU B 75 7.96 -10.46 27.61
N ARG B 76 9.01 -11.20 27.25
CA ARG B 76 8.84 -12.54 26.68
C ARG B 76 8.03 -13.46 27.57
N ALA B 77 8.37 -13.55 28.86
CA ALA B 77 7.68 -14.49 29.74
C ALA B 77 6.20 -14.16 29.87
N GLU B 78 5.87 -12.87 30.01
CA GLU B 78 4.47 -12.47 30.11
C GLU B 78 3.75 -12.76 28.79
N CYS B 79 4.43 -12.49 27.68
CA CYS B 79 3.84 -12.72 26.36
C CYS B 79 3.49 -14.20 26.18
N GLU B 80 4.42 -15.09 26.54
CA GLU B 80 4.21 -16.52 26.36
C GLU B 80 3.03 -17.01 27.20
N GLU B 81 2.94 -16.51 28.43
CA GLU B 81 1.82 -16.86 29.31
C GLU B 81 0.49 -16.36 28.75
N TYR B 82 0.47 -15.12 28.24
CA TYR B 82 -0.74 -14.58 27.65
C TYR B 82 -1.19 -15.41 26.45
N ALA B 83 -0.28 -15.74 25.55
CA ALA B 83 -0.68 -16.52 24.37
C ALA B 83 -1.29 -17.86 24.80
N ARG B 84 -0.68 -18.53 25.78
CA ARG B 84 -1.20 -19.80 26.25
C ARG B 84 -2.61 -19.61 26.82
N GLU B 85 -2.81 -18.55 27.59
CA GLU B 85 -4.12 -18.29 28.17
C GLU B 85 -5.15 -18.02 27.09
N CYS B 86 -4.76 -17.31 26.02
CA CYS B 86 -5.67 -17.08 24.91
C CYS B 86 -6.10 -18.40 24.27
N ASN B 87 -5.14 -19.30 24.06
CA ASN B 87 -5.45 -20.55 23.39
C ASN B 87 -6.32 -21.44 24.28
N ASP B 88 -6.01 -21.51 25.56
CA ASP B 88 -6.85 -22.32 26.45
C ASP B 88 -8.25 -21.73 26.56
N TYR B 89 -8.36 -20.40 26.55
CA TYR B 89 -9.68 -19.77 26.61
C TYR B 89 -10.52 -20.11 25.39
N ILE B 90 -9.99 -19.88 24.18
CA ILE B 90 -10.85 -20.04 23.01
C ILE B 90 -11.14 -21.52 22.79
N SER B 91 -10.21 -22.39 23.17
CA SER B 91 -10.48 -23.83 23.10
C SER B 91 -11.70 -24.20 23.94
N GLY B 92 -11.80 -23.63 25.14
CA GLY B 92 -12.96 -23.89 25.98
C GLY B 92 -14.24 -23.34 25.38
N GLU B 93 -14.18 -22.17 24.73
CA GLU B 93 -15.38 -21.55 24.18
C GLU B 93 -15.91 -22.33 22.99
N ILE B 94 -15.03 -22.75 22.08
CA ILE B 94 -15.51 -23.41 20.86
C ILE B 94 -15.91 -24.85 21.14
N ALA B 95 -15.54 -25.38 22.31
CA ALA B 95 -15.84 -26.77 22.62
C ALA B 95 -17.34 -27.06 22.53
N ASN B 96 -18.21 -26.08 22.78
CA ASN B 96 -19.60 -26.49 22.74
C ASN B 96 -20.24 -26.27 21.37
N HIS B 97 -19.47 -25.88 20.36
CA HIS B 97 -20.02 -25.63 19.03
C HIS B 97 -19.09 -26.17 17.95
N LYS B 98 -18.74 -27.46 18.07
CA LYS B 98 -17.73 -28.05 17.19
C LYS B 98 -18.16 -28.10 15.74
N ASP B 99 -19.47 -28.07 15.45
CA ASP B 99 -19.91 -28.10 14.06
C ASP B 99 -19.80 -26.75 13.37
N ARG B 100 -19.49 -25.67 14.09
CA ARG B 100 -19.47 -24.37 13.43
C ARG B 100 -18.41 -23.43 13.97
N MET B 101 -17.43 -23.90 14.76
CA MET B 101 -16.38 -23.04 15.28
C MET B 101 -15.05 -23.78 15.30
N GLY B 102 -13.99 -23.06 14.93
CA GLY B 102 -12.62 -23.52 15.09
C GLY B 102 -11.75 -22.36 15.58
N ALA B 103 -10.44 -22.55 15.69
CA ALA B 103 -9.58 -21.48 16.18
C ALA B 103 -8.21 -21.54 15.53
N PHE B 104 -7.56 -20.38 15.46
CA PHE B 104 -6.15 -20.26 15.12
C PHE B 104 -5.36 -19.99 16.39
N ALA B 105 -4.16 -20.54 16.46
CA ALA B 105 -3.31 -20.31 17.63
C ALA B 105 -2.86 -18.85 17.73
N ALA B 106 -2.96 -18.31 18.95
CA ALA B 106 -2.23 -17.13 19.34
C ALA B 106 -0.82 -17.51 19.77
N LEU B 107 0.18 -16.74 19.35
CA LEU B 107 1.56 -17.10 19.63
C LEU B 107 2.37 -15.92 20.15
N SER B 108 3.24 -16.21 21.12
CA SER B 108 4.36 -15.33 21.41
C SER B 108 5.44 -15.59 20.36
N MET B 109 5.90 -14.54 19.68
CA MET B 109 6.88 -14.71 18.62
C MET B 109 8.23 -14.10 19.04
N HIS B 110 8.52 -14.12 20.34
CA HIS B 110 9.84 -13.72 20.81
C HIS B 110 10.90 -14.75 20.43
N ASP B 111 10.53 -16.03 20.42
CA ASP B 111 11.51 -17.12 20.26
C ASP B 111 10.97 -18.19 19.32
N PRO B 112 11.67 -18.51 18.23
CA PRO B 112 11.12 -19.46 17.24
C PRO B 112 10.82 -20.83 17.80
N LYS B 113 11.70 -21.36 18.67
CA LYS B 113 11.45 -22.69 19.23
C LYS B 113 10.20 -22.71 20.10
N GLN B 114 10.05 -21.69 20.96
CA GLN B 114 8.89 -21.64 21.84
C GLN B 114 7.59 -21.47 21.05
N ALA B 115 7.61 -20.62 20.00
CA ALA B 115 6.43 -20.45 19.17
C ALA B 115 6.08 -21.75 18.46
N SER B 116 7.09 -22.48 17.99
CA SER B 116 6.86 -23.77 17.34
C SER B 116 6.19 -24.75 18.29
N GLU B 117 6.65 -24.77 19.54
CA GLU B 117 6.07 -25.67 20.54
C GLU B 117 4.62 -25.31 20.87
N GLU B 118 4.30 -24.01 20.98
CA GLU B 118 2.91 -23.64 21.26
C GLU B 118 2.00 -23.93 20.06
N LEU B 119 2.49 -23.69 18.83
CA LEU B 119 1.67 -24.05 17.68
C LEU B 119 1.38 -25.55 17.67
N THR B 120 2.41 -26.35 17.92
CA THR B 120 2.24 -27.81 17.97
C THR B 120 1.19 -28.20 19.01
N ARG B 121 1.26 -27.61 20.20
CA ARG B 121 0.27 -27.92 21.23
C ARG B 121 -1.14 -27.56 20.75
N CYS B 122 -1.31 -26.37 20.17
CA CYS B 122 -2.64 -25.97 19.71
C CYS B 122 -3.18 -26.92 18.66
N VAL B 123 -2.35 -27.26 17.67
CA VAL B 123 -2.83 -28.11 16.58
C VAL B 123 -3.07 -29.52 17.07
N LYS B 124 -2.06 -30.11 17.68
CA LYS B 124 -2.15 -31.54 17.96
C LYS B 124 -2.93 -31.85 19.24
N GLU B 125 -2.93 -30.97 20.26
CA GLU B 125 -3.70 -31.23 21.47
C GLU B 125 -5.07 -30.54 21.48
N LEU B 126 -5.19 -29.36 20.87
CA LEU B 126 -6.44 -28.60 20.89
C LEU B 126 -7.19 -28.60 19.56
N GLY B 127 -6.62 -29.15 18.49
CA GLY B 127 -7.31 -29.22 17.22
C GLY B 127 -7.37 -27.91 16.45
N PHE B 128 -6.50 -26.95 16.78
CA PHE B 128 -6.55 -25.69 16.06
C PHE B 128 -6.10 -25.88 14.62
N LEU B 129 -6.44 -24.90 13.76
CA LEU B 129 -6.35 -25.08 12.32
C LEU B 129 -5.19 -24.32 11.70
N GLY B 130 -4.39 -23.63 12.50
CA GLY B 130 -3.33 -22.79 11.99
C GLY B 130 -2.95 -21.80 13.07
N ALA B 131 -2.17 -20.80 12.67
CA ALA B 131 -1.77 -19.72 13.57
C ALA B 131 -2.21 -18.40 12.98
N LEU B 132 -2.53 -17.44 13.83
CA LEU B 132 -2.75 -16.08 13.38
C LEU B 132 -1.90 -15.17 14.26
N VAL B 133 -1.03 -14.41 13.61
CA VAL B 133 -0.02 -13.60 14.27
C VAL B 133 -0.14 -12.18 13.73
N ASN B 134 -0.13 -11.20 14.62
CA ASN B 134 -0.37 -9.79 14.28
C ASN B 134 0.93 -9.05 13.91
N ASP B 135 1.49 -9.42 12.77
CA ASP B 135 2.64 -8.70 12.19
C ASP B 135 3.83 -8.81 13.15
N VAL B 136 4.69 -7.79 13.18
CA VAL B 136 5.96 -7.92 13.90
C VAL B 136 5.74 -8.04 15.40
N GLN B 137 6.58 -8.86 16.04
CA GLN B 137 6.58 -8.99 17.49
C GLN B 137 7.40 -7.86 18.08
N HIS B 138 6.79 -7.07 18.96
CA HIS B 138 7.50 -6.00 19.63
C HIS B 138 8.18 -6.53 20.90
N ALA B 139 9.35 -5.96 21.18
CA ALA B 139 10.16 -6.42 22.31
C ALA B 139 11.14 -5.36 22.81
N GLY B 140 11.88 -5.75 23.84
CA GLY B 140 12.92 -4.93 24.49
C GLY B 140 12.37 -4.22 25.71
N PRO B 141 13.20 -3.59 26.56
CA PRO B 141 12.72 -2.93 27.76
C PRO B 141 11.97 -1.62 27.51
N GLU B 142 11.97 -1.12 26.28
CA GLU B 142 11.27 0.07 25.78
C GLU B 142 10.39 -0.29 24.58
N GLY B 143 10.31 -1.57 24.17
CA GLY B 143 9.37 -1.83 23.04
C GLY B 143 9.83 -1.42 21.64
N GLU B 144 11.08 -1.03 21.45
CA GLU B 144 11.45 -0.62 20.06
C GLU B 144 11.94 -1.81 19.22
N THR B 145 12.37 -2.92 19.83
CA THR B 145 12.84 -4.04 18.98
C THR B 145 11.68 -4.58 18.17
N HIS B 146 11.83 -4.66 16.84
CA HIS B 146 10.85 -5.16 15.87
C HIS B 146 11.33 -6.51 15.37
N ILE B 147 10.63 -7.58 15.72
CA ILE B 147 11.01 -8.94 15.32
C ILE B 147 10.21 -9.33 14.09
N PHE B 148 10.91 -9.48 12.94
CA PHE B 148 10.30 -9.95 11.70
C PHE B 148 10.57 -11.45 11.52
N TYR B 149 9.66 -12.14 10.83
CA TYR B 149 9.76 -13.59 10.71
C TYR B 149 10.38 -14.03 9.39
N ASP B 150 10.99 -13.11 8.65
CA ASP B 150 11.62 -13.45 7.37
C ASP B 150 13.13 -13.64 7.49
N GLN B 151 13.64 -13.73 8.72
CA GLN B 151 15.06 -13.96 8.99
C GLN B 151 15.30 -15.44 9.27
N PRO B 152 16.53 -15.92 9.06
CA PRO B 152 16.76 -17.37 9.00
C PRO B 152 16.39 -18.12 10.27
N GLU B 153 16.44 -17.49 11.44
CA GLU B 153 16.16 -18.26 12.64
C GLU B 153 14.72 -18.76 12.67
N TRP B 154 13.83 -18.12 11.91
CA TRP B 154 12.44 -18.55 11.89
C TRP B 154 12.21 -19.79 11.03
N ASP B 155 13.25 -20.32 10.37
CA ASP B 155 13.07 -21.53 9.58
C ASP B 155 12.55 -22.71 10.42
N ILE B 156 12.94 -22.80 11.69
CA ILE B 156 12.43 -23.92 12.49
C ILE B 156 10.93 -23.79 12.68
N PHE B 157 10.42 -22.56 12.70
CA PHE B 157 8.98 -22.34 12.82
C PHE B 157 8.27 -22.67 11.51
N TRP B 158 8.82 -22.22 10.37
CA TRP B 158 8.18 -22.54 9.10
C TRP B 158 8.15 -24.05 8.86
N GLN B 159 9.22 -24.75 9.26
CA GLN B 159 9.24 -26.20 9.15
C GLN B 159 8.15 -26.84 10.00
N THR B 160 7.86 -26.25 11.16
CA THR B 160 6.76 -26.74 12.00
C THR B 160 5.41 -26.54 11.33
N CYS B 161 5.19 -25.36 10.73
CA CYS B 161 3.94 -25.16 9.99
C CYS B 161 3.78 -26.19 8.89
N VAL B 162 4.88 -26.47 8.17
CA VAL B 162 4.80 -27.44 7.10
C VAL B 162 4.61 -28.85 7.64
N ASP B 163 5.31 -29.19 8.73
CA ASP B 163 5.14 -30.51 9.34
C ASP B 163 3.70 -30.73 9.81
N LEU B 164 3.10 -29.72 10.43
CA LEU B 164 1.71 -29.79 10.88
C LEU B 164 0.72 -29.64 9.72
N ASP B 165 1.22 -29.13 8.59
CA ASP B 165 0.44 -28.81 7.41
C ASP B 165 -0.73 -27.89 7.75
N VAL B 166 -0.44 -26.77 8.41
CA VAL B 166 -1.44 -25.78 8.72
C VAL B 166 -0.97 -24.43 8.23
N PRO B 167 -1.88 -23.51 7.91
CA PRO B 167 -1.47 -22.19 7.41
C PRO B 167 -1.15 -21.19 8.52
N PHE B 168 -0.48 -20.14 8.10
CA PHE B 168 -0.07 -19.02 8.94
C PHE B 168 -0.76 -17.77 8.41
N TYR B 169 -1.66 -17.18 9.21
CA TYR B 169 -2.39 -15.98 8.83
C TYR B 169 -1.62 -14.77 9.37
N LEU B 170 -1.15 -13.91 8.48
CA LEU B 170 -0.35 -12.75 8.87
C LEU B 170 -1.28 -11.54 8.90
N HIS B 171 -1.70 -11.13 10.12
CA HIS B 171 -2.69 -10.10 10.38
C HIS B 171 -1.99 -8.77 10.69
N PRO B 172 -2.63 -7.63 10.46
CA PRO B 172 -1.97 -6.35 10.74
C PRO B 172 -1.99 -5.99 12.22
N GLU B 173 -1.26 -4.92 12.54
CA GLU B 173 -1.23 -4.37 13.88
C GLU B 173 -0.95 -2.87 13.79
N PRO B 174 -1.28 -2.10 14.82
CA PRO B 174 -1.07 -0.63 14.76
C PRO B 174 0.42 -0.29 14.87
N PRO B 175 0.78 0.95 14.52
CA PRO B 175 2.17 1.39 14.73
C PRO B 175 2.48 1.55 16.21
N PHE B 176 3.78 1.37 16.53
CA PHE B 176 4.33 1.52 17.87
C PHE B 176 5.47 2.52 17.89
N GLY B 177 5.73 3.10 19.07
CA GLY B 177 7.00 3.75 19.32
C GLY B 177 7.26 4.96 18.43
N SER B 178 8.50 5.06 17.95
CA SER B 178 8.90 6.22 17.16
C SER B 178 8.17 6.27 15.83
N TYR B 179 7.86 5.10 15.27
CA TYR B 179 7.09 5.04 14.04
C TYR B 179 5.70 5.65 14.23
N LEU B 180 5.04 5.30 15.34
CA LEU B 180 3.76 5.91 15.69
C LEU B 180 3.91 7.42 15.85
N ARG B 181 4.93 7.85 16.60
CA ARG B 181 5.10 9.27 16.89
C ARG B 181 5.48 10.06 15.64
N ASN B 182 6.48 9.57 14.89
CA ASN B 182 6.99 10.34 13.73
C ASN B 182 5.96 10.40 12.60
N GLN B 183 5.28 9.30 12.32
CA GLN B 183 4.55 9.22 11.07
C GLN B 183 3.04 9.21 11.21
N TYR B 184 2.50 9.00 12.43
CA TYR B 184 1.06 8.93 12.59
C TYR B 184 0.47 9.95 13.56
N GLU B 185 1.28 10.64 14.35
CA GLU B 185 0.73 11.55 15.36
C GLU B 185 -0.16 12.62 14.74
N GLY B 186 0.22 13.14 13.58
CA GLY B 186 -0.58 14.16 12.95
C GLY B 186 -1.66 13.64 12.00
N ARG B 187 -1.87 12.33 11.90
CA ARG B 187 -2.88 11.77 11.02
C ARG B 187 -3.40 10.48 11.68
N LYS B 188 -3.87 10.60 12.93
CA LYS B 188 -4.18 9.42 13.71
C LYS B 188 -5.33 8.61 13.12
N TYR B 189 -6.22 9.24 12.33
CA TYR B 189 -7.29 8.46 11.75
C TYR B 189 -6.80 7.56 10.63
N LEU B 190 -5.51 7.59 10.29
CA LEU B 190 -4.97 6.66 9.32
C LEU B 190 -4.40 5.42 9.98
N ILE B 191 -4.42 5.35 11.31
CA ILE B 191 -4.08 4.12 12.01
C ILE B 191 -5.21 3.11 11.79
N GLY B 192 -4.85 1.93 11.31
CA GLY B 192 -5.83 0.90 11.04
C GLY B 192 -6.03 0.67 9.55
N PRO B 193 -7.25 0.29 9.19
CA PRO B 193 -7.58 -0.07 7.81
C PRO B 193 -7.23 0.99 6.77
N PRO B 194 -7.28 2.32 7.07
CA PRO B 194 -7.06 3.28 5.98
C PRO B 194 -5.72 3.14 5.30
N VAL B 195 -4.64 2.83 6.04
CA VAL B 195 -3.37 2.61 5.36
C VAL B 195 -2.35 1.88 6.23
N SER B 196 -2.34 2.14 7.55
CA SER B 196 -1.18 1.68 8.33
C SER B 196 -1.14 0.17 8.39
N PHE B 197 -2.32 -0.47 8.52
CA PHE B 197 -2.37 -1.93 8.63
C PHE B 197 -1.71 -2.60 7.42
N ALA B 198 -2.19 -2.28 6.21
CA ALA B 198 -1.65 -2.95 5.03
C ALA B 198 -0.21 -2.56 4.77
N ASN B 199 0.20 -1.34 5.14
CA ASN B 199 1.60 -0.97 4.95
C ASN B 199 2.52 -1.95 5.69
N GLY B 200 2.15 -2.29 6.93
CA GLY B 200 2.97 -3.23 7.69
C GLY B 200 2.91 -4.65 7.17
N VAL B 201 1.71 -5.16 6.85
CA VAL B 201 1.63 -6.56 6.45
C VAL B 201 2.30 -6.77 5.10
N SER B 202 2.07 -5.86 4.16
CA SER B 202 2.70 -6.01 2.86
C SER B 202 4.22 -6.00 2.98
N LEU B 203 4.76 -5.10 3.81
CA LEU B 203 6.21 -5.09 4.04
C LEU B 203 6.70 -6.45 4.55
N HIS B 204 5.95 -7.03 5.50
CA HIS B 204 6.39 -8.27 6.14
C HIS B 204 6.30 -9.45 5.18
N VAL B 205 5.18 -9.59 4.46
CA VAL B 205 5.08 -10.75 3.60
C VAL B 205 5.98 -10.61 2.38
N LEU B 206 6.15 -9.39 1.85
CA LEU B 206 7.15 -9.24 0.79
C LEU B 206 8.54 -9.53 1.33
N GLY B 207 8.78 -9.25 2.61
CA GLY B 207 10.03 -9.65 3.25
C GLY B 207 10.23 -11.15 3.25
N MET B 208 9.18 -11.90 3.58
CA MET B 208 9.25 -13.36 3.51
C MET B 208 9.58 -13.80 2.09
N ILE B 209 8.97 -13.17 1.09
CA ILE B 209 9.21 -13.54 -0.30
C ILE B 209 10.67 -13.27 -0.70
N VAL B 210 11.15 -12.03 -0.49
CA VAL B 210 12.47 -11.69 -1.02
C VAL B 210 13.59 -12.30 -0.20
N ASN B 211 13.34 -12.66 1.06
CA ASN B 211 14.36 -13.34 1.84
C ASN B 211 14.31 -14.86 1.65
N GLY B 212 13.45 -15.35 0.76
CA GLY B 212 13.48 -16.74 0.33
C GLY B 212 12.71 -17.74 1.17
N VAL B 213 11.80 -17.27 2.04
CA VAL B 213 11.11 -18.19 2.92
C VAL B 213 10.34 -19.23 2.12
N PHE B 214 9.66 -18.79 1.06
CA PHE B 214 8.85 -19.74 0.29
C PHE B 214 9.68 -20.57 -0.67
N ASP B 215 10.92 -20.14 -0.94
CA ASP B 215 11.83 -20.98 -1.70
C ASP B 215 12.35 -22.13 -0.84
N ARG B 216 12.62 -21.85 0.44
CA ARG B 216 13.08 -22.91 1.32
C ARG B 216 11.94 -23.80 1.78
N PHE B 217 10.71 -23.29 1.78
CA PHE B 217 9.53 -24.04 2.24
C PHE B 217 8.43 -23.92 1.19
N PRO B 218 8.59 -24.59 0.05
CA PRO B 218 7.59 -24.44 -1.03
C PRO B 218 6.18 -24.89 -0.66
N LYS B 219 6.03 -25.73 0.35
CA LYS B 219 4.71 -26.18 0.81
C LYS B 219 4.11 -25.29 1.90
N LEU B 220 4.81 -24.24 2.33
CA LEU B 220 4.25 -23.35 3.35
C LEU B 220 3.02 -22.62 2.83
N LYS B 221 2.01 -22.48 3.70
CA LYS B 221 0.77 -21.81 3.36
C LYS B 221 0.60 -20.57 4.23
N VAL B 222 0.39 -19.41 3.61
CA VAL B 222 0.23 -18.14 4.31
C VAL B 222 -1.08 -17.52 3.83
N ILE B 223 -1.83 -16.91 4.76
CA ILE B 223 -3.08 -16.24 4.45
C ILE B 223 -2.91 -14.75 4.74
N LEU B 224 -3.39 -13.91 3.82
CA LEU B 224 -3.47 -12.47 4.01
C LEU B 224 -4.91 -12.02 3.93
N GLY B 225 -5.32 -11.13 4.83
CA GLY B 225 -6.65 -10.56 4.78
C GLY B 225 -6.73 -9.38 3.84
N HIS B 226 -7.94 -8.83 3.76
CA HIS B 226 -8.15 -7.51 3.14
C HIS B 226 -7.75 -7.53 1.67
N LEU B 227 -7.99 -8.68 1.02
CA LEU B 227 -7.66 -8.92 -0.38
C LEU B 227 -6.22 -8.58 -0.70
N GLY B 228 -5.33 -8.92 0.22
CA GLY B 228 -3.91 -8.93 -0.08
C GLY B 228 -3.14 -7.69 0.30
N GLU B 229 -3.73 -6.77 1.07
CA GLU B 229 -2.95 -5.72 1.76
C GLU B 229 -2.14 -4.86 0.78
N HIS B 230 -2.79 -4.35 -0.26
CA HIS B 230 -2.25 -3.44 -1.28
C HIS B 230 -1.47 -4.16 -2.40
N ILE B 231 -1.11 -5.42 -2.23
CA ILE B 231 -0.16 -6.01 -3.16
C ILE B 231 -0.78 -6.28 -4.54
N PRO B 232 -2.02 -6.76 -4.66
CA PRO B 232 -2.50 -7.11 -6.02
C PRO B 232 -2.50 -5.93 -6.99
N GLY B 233 -2.93 -4.74 -6.55
CA GLY B 233 -2.85 -3.58 -7.43
C GLY B 233 -1.44 -3.28 -7.91
N ASP B 234 -0.44 -3.74 -7.16
CA ASP B 234 0.96 -3.55 -7.51
C ASP B 234 1.62 -4.82 -8.02
N PHE B 235 0.86 -5.86 -8.39
CA PHE B 235 1.50 -7.07 -8.90
C PHE B 235 2.44 -6.76 -10.06
N TRP B 236 1.99 -5.95 -11.02
CA TRP B 236 2.84 -5.65 -12.17
C TRP B 236 4.09 -4.89 -11.74
N ARG B 237 3.90 -3.82 -10.97
CA ARG B 237 5.01 -2.95 -10.64
C ARG B 237 6.06 -3.65 -9.78
N ILE B 238 5.62 -4.46 -8.81
CA ILE B 238 6.60 -5.14 -7.96
C ILE B 238 7.41 -6.15 -8.78
N GLU B 239 6.73 -6.99 -9.56
CA GLU B 239 7.44 -7.98 -10.37
C GLU B 239 8.36 -7.29 -11.37
N HIS B 240 7.87 -6.23 -12.02
CA HIS B 240 8.71 -5.48 -12.96
C HIS B 240 9.98 -4.98 -12.29
N TRP B 241 9.86 -4.42 -11.09
CA TRP B 241 11.04 -3.88 -10.42
C TRP B 241 11.99 -5.00 -10.02
N PHE B 242 11.45 -6.15 -9.61
CA PHE B 242 12.32 -7.29 -9.27
C PHE B 242 13.13 -7.72 -10.48
N GLU B 243 12.50 -7.70 -11.67
CA GLU B 243 13.18 -8.13 -12.88
C GLU B 243 14.19 -7.07 -13.35
N HIS B 244 13.82 -5.81 -13.25
CA HIS B 244 14.58 -4.70 -13.81
C HIS B 244 15.73 -4.30 -12.89
N CYS B 245 15.52 -4.42 -11.58
CA CYS B 245 16.47 -3.98 -10.57
C CYS B 245 16.85 -5.08 -9.59
N SER B 246 15.90 -5.59 -8.80
CA SER B 246 16.26 -6.28 -7.57
C SER B 246 16.98 -7.60 -7.83
N ARG B 247 16.48 -8.42 -8.76
CA ARG B 247 17.08 -9.73 -8.94
C ARG B 247 18.52 -9.63 -9.46
N PRO B 248 18.80 -8.90 -10.55
CA PRO B 248 20.21 -8.81 -10.98
C PRO B 248 21.09 -8.08 -9.99
N LEU B 249 20.58 -7.08 -9.26
CA LEU B 249 21.39 -6.39 -8.27
C LEU B 249 21.76 -7.34 -7.12
N ALA B 250 20.79 -8.08 -6.60
CA ALA B 250 21.10 -9.02 -5.51
C ALA B 250 22.09 -10.07 -5.98
N LYS B 251 21.90 -10.57 -7.21
CA LYS B 251 22.78 -11.63 -7.72
C LYS B 251 24.21 -11.14 -7.85
N SER B 252 24.38 -9.87 -8.19
CA SER B 252 25.71 -9.30 -8.38
C SER B 252 26.46 -9.18 -7.06
N ARG B 253 25.74 -9.16 -5.95
CA ARG B 253 26.29 -9.09 -4.60
C ARG B 253 26.34 -10.44 -3.90
N GLY B 254 25.76 -11.49 -4.48
CA GLY B 254 25.64 -12.72 -3.75
C GLY B 254 24.61 -12.70 -2.64
N ASP B 255 23.65 -11.77 -2.71
CA ASP B 255 22.58 -11.65 -1.72
C ASP B 255 21.42 -12.60 -2.03
N VAL B 256 20.81 -13.15 -0.97
CA VAL B 256 19.60 -13.95 -1.14
C VAL B 256 18.52 -13.11 -1.82
N PHE B 257 17.81 -13.72 -2.76
CA PHE B 257 16.64 -13.08 -3.34
C PHE B 257 15.65 -14.16 -3.77
N ALA B 258 14.39 -13.78 -3.90
CA ALA B 258 13.34 -14.70 -4.33
C ALA B 258 13.69 -15.34 -5.67
N GLU B 259 13.51 -16.65 -5.76
CA GLU B 259 13.85 -17.39 -6.97
C GLU B 259 12.76 -17.36 -8.03
N LYS B 260 11.50 -17.13 -7.66
CA LYS B 260 10.37 -17.25 -8.58
C LYS B 260 9.68 -15.91 -8.80
N PRO B 261 8.86 -15.79 -9.86
CA PRO B 261 8.07 -14.56 -10.05
C PRO B 261 7.11 -14.33 -8.90
N LEU B 262 6.80 -13.05 -8.66
CA LEU B 262 5.89 -12.69 -7.58
C LEU B 262 4.60 -13.49 -7.63
N LEU B 263 3.99 -13.61 -8.81
CA LEU B 263 2.69 -14.27 -8.87
C LEU B 263 2.80 -15.76 -8.58
N HIS B 264 3.97 -16.36 -8.77
CA HIS B 264 4.12 -17.76 -8.36
C HIS B 264 3.76 -17.94 -6.89
N TYR B 265 4.27 -17.08 -6.02
CA TYR B 265 3.99 -17.21 -4.60
C TYR B 265 2.52 -17.00 -4.31
N PHE B 266 1.88 -16.05 -5.02
CA PHE B 266 0.46 -15.80 -4.81
C PHE B 266 -0.44 -16.83 -5.49
N ARG B 267 0.14 -17.75 -6.27
CA ARG B 267 -0.63 -18.81 -6.90
C ARG B 267 -0.33 -20.17 -6.28
N ASN B 268 0.58 -20.22 -5.29
CA ASN B 268 0.99 -21.49 -4.71
C ASN B 268 1.06 -21.45 -3.19
N ASN B 269 1.54 -20.34 -2.63
CA ASN B 269 1.81 -20.26 -1.20
C ASN B 269 0.84 -19.36 -0.45
N ILE B 270 0.18 -18.44 -1.12
CA ILE B 270 -0.58 -17.41 -0.41
C ILE B 270 -2.03 -17.47 -0.83
N TRP B 271 -2.94 -17.37 0.14
CA TRP B 271 -4.37 -17.24 -0.04
C TRP B 271 -4.78 -15.85 0.46
N LEU B 272 -5.79 -15.26 -0.19
CA LEU B 272 -6.31 -13.98 0.25
C LEU B 272 -7.70 -14.19 0.85
N THR B 273 -8.08 -13.35 1.81
CA THR B 273 -9.49 -13.34 2.23
C THR B 273 -10.13 -11.99 1.91
N THR B 274 -11.48 -11.97 1.95
CA THR B 274 -12.23 -10.73 1.70
C THR B 274 -12.49 -9.93 2.97
N SER B 275 -11.75 -10.19 4.05
CA SER B 275 -12.02 -9.49 5.30
C SER B 275 -12.01 -7.99 5.11
N GLY B 276 -13.05 -7.32 5.58
CA GLY B 276 -13.12 -5.87 5.48
C GLY B 276 -12.98 -5.31 4.08
N ASN B 277 -13.33 -6.08 3.06
CA ASN B 277 -13.10 -5.62 1.70
C ASN B 277 -14.22 -6.19 0.85
N PHE B 278 -15.44 -5.71 1.15
CA PHE B 278 -16.67 -6.21 0.53
C PHE B 278 -16.91 -5.54 -0.82
N SER B 279 -15.90 -5.68 -1.68
CA SER B 279 -15.78 -4.95 -2.94
C SER B 279 -15.82 -5.94 -4.11
N THR B 280 -16.93 -5.96 -4.86
CA THR B 280 -17.00 -6.85 -6.00
C THR B 280 -15.94 -6.52 -7.04
N GLU B 281 -15.67 -5.22 -7.25
CA GLU B 281 -14.69 -4.81 -8.27
C GLU B 281 -13.26 -5.19 -7.87
N THR B 282 -12.92 -5.02 -6.59
CA THR B 282 -11.58 -5.42 -6.14
C THR B 282 -11.44 -6.94 -6.14
N LEU B 283 -12.50 -7.63 -5.72
CA LEU B 283 -12.52 -9.09 -5.77
C LEU B 283 -12.28 -9.58 -7.20
N LYS B 284 -12.97 -8.97 -8.17
CA LYS B 284 -12.81 -9.38 -9.57
C LYS B 284 -11.35 -9.26 -10.01
N PHE B 285 -10.75 -8.12 -9.73
CA PHE B 285 -9.34 -7.91 -10.07
C PHE B 285 -8.46 -8.97 -9.43
N CYS B 286 -8.69 -9.27 -8.15
CA CYS B 286 -7.87 -10.29 -7.51
C CYS B 286 -8.07 -11.66 -8.15
N VAL B 287 -9.34 -12.06 -8.39
CA VAL B 287 -9.63 -13.35 -9.04
C VAL B 287 -8.90 -13.47 -10.38
N GLU B 288 -8.89 -12.38 -11.18
CA GLU B 288 -8.25 -12.40 -12.48
C GLU B 288 -6.76 -12.66 -12.39
N HIS B 289 -6.15 -12.37 -11.24
CA HIS B 289 -4.71 -12.54 -11.07
C HIS B 289 -4.33 -13.81 -10.33
N VAL B 290 -5.00 -14.17 -9.23
CA VAL B 290 -4.59 -15.31 -8.43
C VAL B 290 -5.49 -16.52 -8.62
N GLY B 291 -6.66 -16.36 -9.24
CA GLY B 291 -7.59 -17.48 -9.37
C GLY B 291 -8.67 -17.49 -8.30
N ALA B 292 -9.88 -17.88 -8.68
CA ALA B 292 -10.98 -17.92 -7.72
C ALA B 292 -10.73 -18.94 -6.62
N GLU B 293 -9.92 -19.98 -6.89
CA GLU B 293 -9.69 -20.99 -5.87
C GLU B 293 -8.77 -20.50 -4.74
N ARG B 294 -8.18 -19.31 -4.87
CA ARG B 294 -7.23 -18.84 -3.87
C ARG B 294 -7.76 -17.70 -3.02
N ILE B 295 -9.06 -17.41 -3.08
CA ILE B 295 -9.65 -16.32 -2.31
C ILE B 295 -10.74 -16.90 -1.42
N LEU B 296 -10.74 -16.49 -0.16
CA LEU B 296 -11.65 -17.00 0.85
C LEU B 296 -12.52 -15.88 1.39
N PHE B 297 -13.83 -16.14 1.50
CA PHE B 297 -14.70 -15.20 2.19
C PHE B 297 -14.23 -15.02 3.63
N SER B 298 -14.38 -13.80 4.16
CA SER B 298 -14.27 -13.54 5.60
C SER B 298 -14.84 -12.17 5.89
N VAL B 299 -15.24 -11.95 7.14
CA VAL B 299 -15.91 -10.70 7.56
C VAL B 299 -14.94 -9.68 8.18
N ASP B 300 -14.12 -10.11 9.14
CA ASP B 300 -13.29 -9.32 10.06
C ASP B 300 -14.15 -8.78 11.20
N SER B 301 -15.04 -9.61 11.73
CA SER B 301 -15.74 -9.23 12.96
C SER B 301 -14.75 -9.25 14.12
N PRO B 302 -14.93 -8.40 15.14
CA PRO B 302 -16.06 -7.48 15.34
C PRO B 302 -15.80 -6.07 14.83
N TYR B 303 -14.68 -5.86 14.14
CA TYR B 303 -14.39 -4.53 13.60
C TYR B 303 -15.28 -4.23 12.41
N GLU B 304 -15.68 -5.26 11.67
CA GLU B 304 -16.73 -5.18 10.66
C GLU B 304 -17.97 -5.90 11.17
N HIS B 305 -19.11 -5.61 10.55
CA HIS B 305 -20.39 -6.17 10.97
C HIS B 305 -20.72 -7.40 10.14
N ILE B 306 -21.04 -8.51 10.82
CA ILE B 306 -21.37 -9.76 10.14
C ILE B 306 -22.50 -9.58 9.14
N ASP B 307 -23.55 -8.83 9.53
CA ASP B 307 -24.68 -8.62 8.63
C ASP B 307 -24.28 -7.84 7.38
N VAL B 308 -23.26 -6.99 7.48
CA VAL B 308 -22.81 -6.19 6.34
C VAL B 308 -21.96 -7.04 5.40
N GLY B 309 -20.99 -7.78 5.93
CA GLY B 309 -20.15 -8.62 5.08
C GLY B 309 -20.93 -9.74 4.42
N CYS B 310 -21.77 -10.44 5.20
CA CYS B 310 -22.63 -11.47 4.61
C CYS B 310 -23.65 -10.85 3.67
N GLY B 311 -24.19 -9.68 4.03
CA GLY B 311 -25.11 -9.01 3.13
C GLY B 311 -24.52 -8.75 1.76
N TRP B 312 -23.28 -8.29 1.72
CA TRP B 312 -22.62 -8.07 0.43
C TRP B 312 -22.59 -9.36 -0.39
N TYR B 313 -22.05 -10.43 0.20
CA TYR B 313 -21.85 -11.66 -0.56
C TYR B 313 -23.19 -12.29 -0.94
N ASP B 314 -24.17 -12.25 -0.03
CA ASP B 314 -25.47 -12.88 -0.25
C ASP B 314 -26.34 -12.06 -1.22
N ASP B 315 -26.46 -10.76 -0.98
CA ASP B 315 -27.44 -9.96 -1.72
C ASP B 315 -27.02 -9.71 -3.16
N ASN B 316 -25.71 -9.79 -3.45
CA ASN B 316 -25.17 -9.51 -4.77
C ASN B 316 -24.71 -10.79 -5.47
N ALA B 317 -25.34 -11.92 -5.15
CA ALA B 317 -24.88 -13.21 -5.64
C ALA B 317 -24.72 -13.23 -7.16
N LYS B 318 -25.73 -12.75 -7.89
CA LYS B 318 -25.65 -12.80 -9.35
C LYS B 318 -24.49 -11.97 -9.88
N ALA B 319 -24.32 -10.74 -9.38
CA ALA B 319 -23.24 -9.90 -9.86
C ALA B 319 -21.87 -10.47 -9.51
N ILE B 320 -21.72 -11.02 -8.30
CA ILE B 320 -20.45 -11.60 -7.88
C ILE B 320 -20.12 -12.81 -8.73
N MET B 321 -21.10 -13.69 -8.94
CA MET B 321 -20.91 -14.83 -9.84
C MET B 321 -20.38 -14.38 -11.21
N GLU B 322 -21.00 -13.34 -11.77
CA GLU B 322 -20.55 -12.85 -13.07
C GLU B 322 -19.10 -12.38 -12.99
N ALA B 323 -18.74 -11.76 -11.87
CA ALA B 323 -17.41 -11.19 -11.72
C ALA B 323 -16.34 -12.24 -11.48
N VAL B 324 -16.67 -13.35 -10.83
CA VAL B 324 -15.64 -14.30 -10.40
C VAL B 324 -15.61 -15.55 -11.24
N GLY B 325 -16.48 -15.69 -12.23
CA GLY B 325 -16.43 -16.79 -13.15
C GLY B 325 -17.49 -17.91 -12.98
N GLY B 326 -18.59 -17.64 -12.30
CA GLY B 326 -19.74 -18.53 -12.33
C GLY B 326 -20.07 -19.08 -10.96
N GLU B 327 -21.02 -20.02 -10.96
CA GLU B 327 -21.60 -20.49 -9.70
C GLU B 327 -20.59 -21.25 -8.85
N LYS B 328 -19.78 -22.12 -9.47
CA LYS B 328 -18.80 -22.88 -8.71
C LYS B 328 -17.75 -21.97 -8.08
N ALA B 329 -17.25 -21.00 -8.84
CA ALA B 329 -16.28 -20.03 -8.30
C ALA B 329 -16.87 -19.28 -7.10
N TYR B 330 -18.15 -18.91 -7.18
CA TYR B 330 -18.80 -18.18 -6.10
C TYR B 330 -18.90 -19.05 -4.85
N LYS B 331 -19.23 -20.32 -5.03
CA LYS B 331 -19.34 -21.23 -3.88
C LYS B 331 -17.96 -21.60 -3.34
N ASP B 332 -16.95 -21.66 -4.21
CA ASP B 332 -15.57 -21.87 -3.76
C ASP B 332 -15.12 -20.76 -2.84
N ILE B 333 -15.28 -19.51 -3.28
CA ILE B 333 -14.88 -18.37 -2.45
C ILE B 333 -15.68 -18.34 -1.15
N GLY B 334 -16.99 -18.58 -1.23
CA GLY B 334 -17.80 -18.50 -0.03
C GLY B 334 -17.48 -19.57 0.99
N ARG B 335 -17.10 -20.77 0.53
CA ARG B 335 -17.11 -21.93 1.43
C ARG B 335 -16.08 -22.99 1.06
N ASP B 336 -16.11 -23.44 -0.20
CA ASP B 336 -15.46 -24.70 -0.52
C ASP B 336 -13.95 -24.58 -0.63
N ASN B 337 -13.40 -23.40 -0.94
CA ASN B 337 -11.95 -23.22 -0.87
C ASN B 337 -11.44 -23.44 0.53
N ALA B 338 -12.09 -22.79 1.51
CA ALA B 338 -11.68 -22.94 2.89
C ALA B 338 -11.96 -24.35 3.41
N LYS B 339 -13.09 -24.95 3.00
CA LYS B 339 -13.38 -26.32 3.43
C LYS B 339 -12.23 -27.23 3.06
N LYS B 340 -11.70 -27.08 1.85
CA LYS B 340 -10.62 -27.94 1.39
C LYS B 340 -9.29 -27.55 2.01
N LEU B 341 -9.02 -26.24 2.12
CA LEU B 341 -7.75 -25.79 2.68
C LEU B 341 -7.57 -26.24 4.13
N PHE B 342 -8.62 -26.14 4.94
CA PHE B 342 -8.54 -26.51 6.35
C PHE B 342 -8.97 -27.94 6.60
N LYS B 343 -9.23 -28.72 5.54
CA LYS B 343 -9.59 -30.14 5.66
C LYS B 343 -10.80 -30.33 6.58
N LEU B 344 -11.76 -29.41 6.49
CA LEU B 344 -12.94 -29.48 7.35
C LEU B 344 -13.83 -30.63 6.91
N GLY B 345 -14.43 -31.32 7.86
CA GLY B 345 -15.36 -32.39 7.55
C GLY B 345 -16.69 -31.83 7.12
N LYS B 346 -17.76 -32.60 7.34
CA LYS B 346 -19.08 -31.98 7.35
C LYS B 346 -19.13 -30.97 8.49
N PHE B 347 -19.74 -29.81 8.22
CA PHE B 347 -20.00 -28.83 9.26
C PHE B 347 -21.35 -28.19 8.99
N TYR B 348 -21.73 -27.26 9.86
CA TYR B 348 -23.04 -26.63 9.81
C TYR B 348 -23.30 -26.06 8.42
N ASP B 349 -24.38 -26.54 7.77
CA ASP B 349 -24.78 -26.07 6.44
C ASP B 349 -23.72 -26.29 5.36
N SER B 350 -22.77 -27.21 5.55
CA SER B 350 -21.68 -27.25 4.58
C SER B 350 -22.06 -27.88 3.23
N GLU B 351 -23.16 -28.63 3.16
CA GLU B 351 -23.64 -29.14 1.87
C GLU B 351 -24.96 -28.47 1.52
#